data_7HIC
#
_entry.id   7HIC
#
_cell.length_a   87.349
_cell.length_b   87.349
_cell.length_c   85.513
_cell.angle_alpha   90.00
_cell.angle_beta   90.00
_cell.angle_gamma   120.00
#
_symmetry.space_group_name_H-M   'P 31'
#
loop_
_entity.id
_entity.type
_entity.pdbx_description
1 polymer 'Non-structural protein 3'
2 non-polymer 'DIMETHYL SULFOXIDE'
3 non-polymer 2-AMINO-2-HYDROXYMETHYL-PROPANE-1,3-DIOL
4 non-polymer 'CHLORIDE ION'
5 non-polymer (3R)-1-(2-fluorophenyl)-3-(methylamino)pyrrolidin-2-one
6 non-polymer 5-(1,3-thiazol-2-yl)-1H-1,2,4-triazole
7 water water
#
_entity_poly.entity_id   1
_entity_poly.type   'polypeptide(L)'
_entity_poly.pdbx_seq_one_letter_code
;GAMAPSYRVKRMDIAKNDEECVVNAANPRGLPGDGVCKAVYKKWPESFKNSATPVGTAKTVMCGTYPVIHAVGPNFSNYT
ESEGDRELAAAYREVAKEVTRLGVNSVAIPLLSTGVYSGGKDRLTQSLNHLFTAMDSTDADVVIYCRDKEWEKKISEAIQ
MRT
;
_entity_poly.pdbx_strand_id   A,B,C,D
#
loop_
_chem_comp.id
_chem_comp.type
_chem_comp.name
_chem_comp.formula
A1BB3 non-polymer (3R)-1-(2-fluorophenyl)-3-(methylamino)pyrrolidin-2-one 'C11 H13 F N2 O'
CL non-polymer 'CHLORIDE ION' 'Cl -1'
DMS non-polymer 'DIMETHYL SULFOXIDE' 'C2 H6 O S'
K34 non-polymer 5-(1,3-thiazol-2-yl)-1H-1,2,4-triazole 'C5 H4 N4 S'
TRS non-polymer 2-AMINO-2-HYDROXYMETHYL-PROPANE-1,3-DIOL 'C4 H12 N O3 1'
#
# COMPACT_ATOMS: atom_id res chain seq x y z
N GLY A 1 13.10 16.26 -12.72
CA GLY A 1 14.29 15.47 -13.20
C GLY A 1 15.25 15.13 -12.07
N ALA A 2 16.18 14.20 -12.31
CA ALA A 2 17.25 13.88 -11.35
C ALA A 2 18.24 15.03 -11.45
N MET A 3 19.01 15.33 -10.39
CA MET A 3 19.95 16.49 -10.38
C MET A 3 21.18 16.19 -11.25
N ALA A 4 21.61 14.93 -11.34
CA ALA A 4 22.68 14.52 -12.26
C ALA A 4 22.24 13.21 -12.90
N PRO A 5 21.32 13.26 -13.88
CA PRO A 5 20.75 12.04 -14.45
C PRO A 5 21.82 10.97 -14.75
N SER A 6 21.60 9.72 -14.34
CA SER A 6 22.57 8.61 -14.45
C SER A 6 21.91 7.32 -14.97
N TYR A 7 22.77 6.38 -15.35
CA TYR A 7 22.42 4.96 -15.59
C TYR A 7 23.13 4.07 -14.56
N ARG A 8 22.39 3.11 -14.02
CA ARG A 8 22.93 2.09 -13.08
C ARG A 8 22.33 0.76 -13.47
N VAL A 9 22.98 -0.35 -13.08
CA VAL A 9 22.45 -1.71 -13.31
C VAL A 9 22.49 -2.44 -11.99
N LYS A 10 21.45 -3.23 -11.71
CA LYS A 10 21.36 -4.08 -10.51
C LYS A 10 20.90 -5.46 -10.95
N ARG A 11 21.50 -6.47 -10.35
CA ARG A 11 21.14 -7.88 -10.56
C ARG A 11 20.21 -8.32 -9.44
N MET A 12 18.90 -8.20 -9.66
CA MET A 12 17.85 -8.51 -8.65
C MET A 12 16.47 -8.43 -9.28
N ASP A 13 15.46 -8.87 -8.53
CA ASP A 13 14.03 -8.87 -8.95
C ASP A 13 13.60 -7.42 -9.07
N ILE A 14 13.17 -7.01 -10.27
CA ILE A 14 12.63 -5.63 -10.52
C ILE A 14 11.40 -5.34 -9.63
N ALA A 15 10.67 -6.35 -9.13
CA ALA A 15 9.57 -6.17 -8.16
C ALA A 15 10.07 -5.57 -6.84
N LYS A 16 11.38 -5.57 -6.55
CA LYS A 16 11.97 -5.00 -5.34
C LYS A 16 12.66 -3.66 -5.66
N ASN A 17 12.37 -3.03 -6.80
CA ASN A 17 13.06 -1.76 -7.18
C ASN A 17 12.82 -0.67 -6.14
N ASP A 18 13.73 0.29 -6.13
CA ASP A 18 13.75 1.53 -5.32
C ASP A 18 13.51 2.75 -6.20
N GLU A 19 12.79 2.61 -7.34
CA GLU A 19 12.56 3.74 -8.26
C GLU A 19 11.10 4.24 -8.17
N GLU A 20 10.77 5.36 -8.81
CA GLU A 20 9.43 5.99 -8.70
C GLU A 20 8.39 5.33 -9.64
N CYS A 21 8.85 4.47 -10.56
CA CYS A 21 7.97 3.71 -11.48
C CYS A 21 8.75 2.54 -12.03
N VAL A 22 8.02 1.63 -12.63
CA VAL A 22 8.61 0.39 -13.18
C VAL A 22 8.12 0.24 -14.61
N VAL A 23 8.98 -0.30 -15.45
CA VAL A 23 8.59 -0.75 -16.81
C VAL A 23 8.41 -2.26 -16.78
N ASN A 24 7.23 -2.72 -17.17
CA ASN A 24 6.95 -4.16 -17.34
C ASN A 24 7.35 -4.62 -18.74
N ALA A 25 8.05 -5.76 -18.85
CA ALA A 25 8.25 -6.46 -20.16
C ALA A 25 6.96 -7.23 -20.50
N ALA A 26 5.95 -6.52 -20.96
CA ALA A 26 4.55 -7.02 -21.11
C ALA A 26 4.37 -7.83 -22.40
N ASN A 27 3.28 -8.62 -22.40
CA ASN A 27 2.73 -9.25 -23.62
C ASN A 27 1.63 -8.33 -24.12
N PRO A 28 1.25 -8.44 -25.42
CA PRO A 28 0.25 -7.54 -25.99
C PRO A 28 -1.15 -7.66 -25.41
N ARG A 29 -1.44 -8.75 -24.70
CA ARG A 29 -2.83 -9.06 -24.28
C ARG A 29 -3.05 -8.70 -22.82
N GLY A 30 -2.03 -8.16 -22.13
CA GLY A 30 -2.19 -7.82 -20.71
C GLY A 30 -2.34 -9.05 -19.84
N LEU A 31 -1.75 -10.19 -20.25
CA LEU A 31 -1.81 -11.45 -19.46
C LEU A 31 -0.65 -11.51 -18.47
N PRO A 32 -0.78 -12.28 -17.36
CA PRO A 32 0.30 -12.42 -16.38
C PRO A 32 1.64 -12.90 -16.92
N GLY A 33 1.64 -13.78 -17.92
CA GLY A 33 2.89 -14.12 -18.64
C GLY A 33 3.95 -14.78 -17.77
N ASP A 34 5.24 -14.62 -18.11
CA ASP A 34 6.40 -15.27 -17.43
C ASP A 34 7.54 -14.27 -17.17
N GLY A 35 8.54 -14.72 -16.40
CA GLY A 35 9.77 -13.95 -16.15
C GLY A 35 9.44 -12.63 -15.44
N VAL A 36 9.94 -11.50 -15.96
CA VAL A 36 9.65 -10.14 -15.41
C VAL A 36 8.12 -9.92 -15.32
N CYS A 37 7.38 -10.26 -16.37
CA CYS A 37 5.91 -10.00 -16.43
C CYS A 37 5.20 -10.68 -15.25
N LYS A 38 5.61 -11.91 -14.90
CA LYS A 38 4.99 -12.69 -13.80
C LYS A 38 5.33 -12.02 -12.46
N ALA A 39 6.56 -11.54 -12.30
CA ALA A 39 6.98 -10.87 -11.04
C ALA A 39 6.16 -9.58 -10.88
N VAL A 40 5.99 -8.82 -11.96
CA VAL A 40 5.21 -7.55 -11.97
C VAL A 40 3.75 -7.88 -11.64
N TYR A 41 3.20 -8.95 -12.22
CA TYR A 41 1.81 -9.37 -11.94
C TYR A 41 1.62 -9.69 -10.45
N LYS A 42 2.58 -10.36 -9.82
CA LYS A 42 2.45 -10.72 -8.37
C LYS A 42 2.55 -9.46 -7.50
N LYS A 43 3.39 -8.49 -7.88
CA LYS A 43 3.62 -7.29 -7.05
C LYS A 43 2.54 -6.22 -7.28
N TRP A 44 2.11 -5.98 -8.52
CA TRP A 44 1.18 -4.90 -8.90
C TRP A 44 0.03 -5.44 -9.75
N PRO A 45 -0.76 -6.43 -9.28
CA PRO A 45 -1.80 -7.06 -10.13
C PRO A 45 -2.86 -6.10 -10.64
N GLU A 46 -3.16 -5.07 -9.85
CA GLU A 46 -4.19 -4.05 -10.16
C GLU A 46 -3.75 -3.27 -11.42
N SER A 47 -2.46 -3.28 -11.77
CA SER A 47 -1.95 -2.50 -12.92
C SER A 47 -2.27 -3.24 -14.21
N PHE A 48 -2.79 -4.46 -14.15
CA PHE A 48 -3.12 -5.22 -15.37
C PHE A 48 -4.58 -5.00 -15.80
N LYS A 49 -5.28 -4.05 -15.20
CA LYS A 49 -6.63 -3.61 -15.67
C LYS A 49 -6.51 -2.83 -16.98
N ASN A 50 -6.99 -3.40 -18.09
CA ASN A 50 -6.95 -2.77 -19.43
C ASN A 50 -5.51 -2.39 -19.79
N SER A 51 -4.55 -3.29 -19.57
CA SER A 51 -3.12 -3.07 -19.95
C SER A 51 -2.77 -3.58 -21.35
N ALA A 52 -3.68 -4.29 -22.02
CA ALA A 52 -3.41 -4.81 -23.39
C ALA A 52 -3.07 -3.63 -24.30
N THR A 53 -2.05 -3.80 -25.16
CA THR A 53 -1.52 -2.73 -26.03
C THR A 53 -0.69 -3.41 -27.11
N PRO A 54 -0.59 -2.86 -28.33
CA PRO A 54 0.10 -3.54 -29.43
C PRO A 54 1.60 -3.59 -29.23
N VAL A 55 2.27 -4.41 -30.04
CA VAL A 55 3.74 -4.53 -30.08
C VAL A 55 4.31 -3.15 -30.49
N GLY A 56 5.42 -2.75 -29.86
CA GLY A 56 6.08 -1.48 -30.20
C GLY A 56 5.44 -0.30 -29.47
N THR A 57 4.56 -0.54 -28.48
CA THR A 57 3.88 0.52 -27.69
C THR A 57 4.10 0.31 -26.21
N ALA A 58 3.79 1.34 -25.43
CA ALA A 58 3.77 1.31 -23.96
C ALA A 58 2.46 1.92 -23.48
N LYS A 59 1.85 1.31 -22.48
CA LYS A 59 0.63 1.83 -21.84
C LYS A 59 0.83 1.86 -20.33
N THR A 60 0.63 3.01 -19.68
CA THR A 60 0.81 3.11 -18.21
C THR A 60 -0.52 2.83 -17.51
N VAL A 61 -0.49 1.99 -16.49
CA VAL A 61 -1.63 1.80 -15.57
C VAL A 61 -1.12 1.95 -14.14
N MET A 62 -1.85 2.70 -13.33
N MET A 62 -1.84 2.74 -13.36
CA MET A 62 -1.47 3.06 -11.94
CA MET A 62 -1.51 3.01 -11.94
C MET A 62 -1.88 1.93 -10.99
C MET A 62 -1.81 1.75 -11.11
N CYS A 63 -0.97 1.49 -10.11
CA CYS A 63 -1.27 0.57 -8.99
C CYS A 63 -1.20 1.49 -7.77
N GLY A 64 -2.36 1.92 -7.26
CA GLY A 64 -2.43 3.04 -6.30
C GLY A 64 -1.96 4.31 -6.98
N THR A 65 -0.85 4.91 -6.51
CA THR A 65 -0.19 6.05 -7.18
C THR A 65 1.12 5.61 -7.87
N TYR A 66 1.43 4.32 -7.87
CA TYR A 66 2.73 3.82 -8.41
C TYR A 66 2.52 3.46 -9.89
N PRO A 67 3.18 4.13 -10.85
CA PRO A 67 2.98 3.85 -12.28
C PRO A 67 3.69 2.58 -12.74
N VAL A 68 2.94 1.72 -13.43
CA VAL A 68 3.48 0.52 -14.14
C VAL A 68 3.36 0.79 -15.63
N ILE A 69 4.48 0.95 -16.32
CA ILE A 69 4.53 1.22 -17.78
C ILE A 69 4.64 -0.15 -18.47
N HIS A 70 3.56 -0.62 -19.09
CA HIS A 70 3.56 -1.91 -19.82
C HIS A 70 4.16 -1.69 -21.19
N ALA A 71 5.40 -2.10 -21.41
CA ALA A 71 6.10 -1.88 -22.70
C ALA A 71 6.15 -3.22 -23.45
N VAL A 72 5.64 -3.25 -24.68
CA VAL A 72 5.53 -4.53 -25.44
C VAL A 72 6.61 -4.62 -26.51
N GLY A 73 7.67 -5.35 -26.23
CA GLY A 73 8.71 -5.70 -27.21
C GLY A 73 8.21 -6.84 -28.11
N PRO A 74 8.80 -6.94 -29.30
CA PRO A 74 8.49 -8.00 -30.25
C PRO A 74 9.01 -9.36 -29.76
N ASN A 75 8.26 -10.42 -30.08
CA ASN A 75 8.75 -11.81 -29.96
C ASN A 75 9.48 -12.13 -31.26
N PHE A 76 10.82 -12.20 -31.21
CA PHE A 76 11.68 -12.48 -32.39
C PHE A 76 11.41 -13.87 -32.98
N SER A 77 10.64 -14.76 -32.35
CA SER A 77 10.13 -16.01 -32.99
C SER A 77 9.19 -15.68 -34.17
N ASN A 78 8.47 -14.56 -34.12
CA ASN A 78 7.41 -14.23 -35.10
C ASN A 78 7.85 -13.13 -36.05
N TYR A 79 8.71 -12.20 -35.60
CA TYR A 79 9.15 -11.04 -36.40
C TYR A 79 10.41 -11.44 -37.18
N THR A 80 10.62 -10.84 -38.36
CA THR A 80 11.93 -10.86 -39.05
C THR A 80 12.91 -10.09 -38.17
N GLU A 81 14.21 -10.40 -38.25
CA GLU A 81 15.26 -9.57 -37.57
C GLU A 81 15.03 -8.09 -37.84
N SER A 82 14.72 -7.72 -39.08
CA SER A 82 14.55 -6.32 -39.51
C SER A 82 13.30 -5.68 -38.85
N GLU A 83 12.17 -6.35 -38.89
CA GLU A 83 10.91 -5.74 -38.38
C GLU A 83 10.95 -5.79 -36.85
N GLY A 84 11.52 -6.86 -36.28
CA GLY A 84 11.71 -6.98 -34.83
C GLY A 84 12.53 -5.83 -34.31
N ASP A 85 13.63 -5.53 -34.97
CA ASP A 85 14.56 -4.45 -34.57
C ASP A 85 13.77 -3.15 -34.54
N ARG A 86 12.94 -2.89 -35.55
CA ARG A 86 12.12 -1.65 -35.66
C ARG A 86 11.14 -1.55 -34.47
N GLU A 87 10.44 -2.63 -34.16
CA GLU A 87 9.44 -2.65 -33.05
C GLU A 87 10.15 -2.53 -31.68
N LEU A 88 11.31 -3.13 -31.52
CA LEU A 88 12.06 -3.05 -30.24
C LEU A 88 12.47 -1.59 -30.01
N ALA A 89 13.04 -0.92 -31.02
CA ALA A 89 13.35 0.53 -30.92
C ALA A 89 12.08 1.32 -30.58
N ALA A 90 10.95 1.02 -31.22
CA ALA A 90 9.69 1.77 -31.02
C ALA A 90 9.23 1.65 -29.56
N ALA A 91 9.18 0.42 -29.02
CA ALA A 91 8.70 0.18 -27.62
C ALA A 91 9.47 1.09 -26.66
N TYR A 92 10.81 1.12 -26.78
CA TYR A 92 11.65 1.99 -25.90
C TYR A 92 11.36 3.49 -26.12
N ARG A 93 11.18 3.97 -27.36
CA ARG A 93 10.73 5.37 -27.60
C ARG A 93 9.44 5.68 -26.83
N GLU A 94 8.47 4.76 -26.81
CA GLU A 94 7.16 4.97 -26.11
C GLU A 94 7.40 4.99 -24.59
N VAL A 95 8.37 4.23 -24.08
CA VAL A 95 8.71 4.22 -22.65
C VAL A 95 9.24 5.62 -22.31
N ALA A 96 10.12 6.16 -23.13
CA ALA A 96 10.69 7.51 -22.86
C ALA A 96 9.58 8.57 -22.80
N LYS A 97 8.61 8.54 -23.71
CA LYS A 97 7.43 9.47 -23.69
C LYS A 97 6.68 9.33 -22.36
N GLU A 98 6.42 8.11 -21.89
CA GLU A 98 5.61 7.86 -20.67
C GLU A 98 6.35 8.36 -19.45
N VAL A 99 7.65 8.02 -19.34
CA VAL A 99 8.53 8.47 -18.21
C VAL A 99 8.47 9.99 -18.16
N THR A 100 8.60 10.67 -19.32
CA THR A 100 8.60 12.14 -19.40
C THR A 100 7.23 12.67 -18.92
N ARG A 101 6.14 12.12 -19.45
CA ARG A 101 4.74 12.55 -19.17
C ARG A 101 4.47 12.44 -17.65
N LEU A 102 4.92 11.35 -17.03
CA LEU A 102 4.64 11.05 -15.60
C LEU A 102 5.42 12.00 -14.69
N GLY A 103 6.53 12.58 -15.18
CA GLY A 103 7.33 13.56 -14.40
C GLY A 103 8.08 12.88 -13.27
N VAL A 104 8.34 11.58 -13.38
CA VAL A 104 9.13 10.81 -12.37
C VAL A 104 10.63 11.23 -12.40
N ASN A 105 11.30 11.14 -11.26
CA ASN A 105 12.76 11.38 -11.20
C ASN A 105 13.56 10.08 -11.38
N SER A 106 12.91 8.93 -11.39
CA SER A 106 13.64 7.64 -11.55
C SER A 106 12.71 6.57 -12.16
N VAL A 107 13.28 5.56 -12.81
CA VAL A 107 12.53 4.45 -13.48
C VAL A 107 13.38 3.17 -13.42
N ALA A 108 12.76 2.04 -13.06
CA ALA A 108 13.30 0.65 -13.11
C ALA A 108 12.91 0.08 -14.47
N ILE A 109 13.87 -0.46 -15.20
N ILE A 109 13.89 -0.38 -15.25
CA ILE A 109 13.63 -0.94 -16.60
CA ILE A 109 13.67 -0.92 -16.63
C ILE A 109 14.40 -2.23 -16.86
C ILE A 109 14.38 -2.26 -16.77
N PRO A 110 13.72 -3.27 -17.39
CA PRO A 110 14.38 -4.48 -17.84
C PRO A 110 14.80 -4.38 -19.30
N LEU A 111 15.68 -5.27 -19.79
CA LEU A 111 16.00 -5.30 -21.24
C LEU A 111 14.90 -6.04 -22.01
N LEU A 112 14.12 -5.29 -22.76
CA LEU A 112 12.98 -5.82 -23.56
C LEU A 112 13.52 -6.81 -24.61
N SER A 113 12.74 -7.87 -24.82
CA SER A 113 12.94 -8.87 -25.88
C SER A 113 14.24 -9.68 -25.65
N THR A 114 14.72 -9.82 -24.42
CA THR A 114 15.98 -10.59 -24.18
C THR A 114 15.74 -11.97 -23.54
N GLY A 115 14.52 -12.27 -23.14
CA GLY A 115 14.19 -13.57 -22.50
C GLY A 115 13.44 -14.46 -23.47
N VAL A 116 12.19 -14.82 -23.12
CA VAL A 116 11.36 -15.76 -23.93
C VAL A 116 11.00 -15.12 -25.28
N TYR A 117 11.12 -13.79 -25.44
CA TYR A 117 10.89 -13.12 -26.75
C TYR A 117 12.18 -12.97 -27.56
N SER A 118 13.30 -13.55 -27.15
CA SER A 118 14.61 -13.33 -27.85
C SER A 118 14.74 -14.15 -29.15
N GLY A 119 13.85 -15.12 -29.39
CA GLY A 119 14.03 -16.02 -30.55
C GLY A 119 15.30 -16.87 -30.42
N GLY A 120 15.71 -17.18 -29.18
CA GLY A 120 16.85 -18.04 -28.84
C GLY A 120 18.20 -17.35 -29.06
N LYS A 121 18.26 -16.02 -29.22
CA LYS A 121 19.54 -15.30 -29.46
C LYS A 121 19.87 -14.36 -28.29
N ASP A 122 21.16 -14.07 -28.12
CA ASP A 122 21.72 -13.07 -27.17
C ASP A 122 21.46 -11.69 -27.75
N ARG A 123 20.56 -10.92 -27.15
CA ARG A 123 20.19 -9.57 -27.64
C ARG A 123 20.55 -8.51 -26.60
N LEU A 124 21.53 -8.75 -25.73
CA LEU A 124 21.92 -7.76 -24.67
C LEU A 124 22.26 -6.44 -25.36
N THR A 125 23.20 -6.44 -26.29
CA THR A 125 23.72 -5.21 -26.92
C THR A 125 22.61 -4.53 -27.74
N GLN A 126 21.87 -5.29 -28.52
CA GLN A 126 20.79 -4.72 -29.38
C GLN A 126 19.77 -4.00 -28.47
N SER A 127 19.32 -4.68 -27.40
CA SER A 127 18.21 -4.15 -26.55
C SER A 127 18.74 -2.95 -25.76
N LEU A 128 19.91 -3.10 -25.15
CA LEU A 128 20.55 -2.02 -24.34
C LEU A 128 20.78 -0.78 -25.20
N ASN A 129 21.20 -0.94 -26.47
CA ASN A 129 21.47 0.21 -27.36
C ASN A 129 20.16 0.92 -27.71
N HIS A 130 19.07 0.19 -27.97
CA HIS A 130 17.74 0.83 -28.18
C HIS A 130 17.29 1.56 -26.89
N LEU A 131 17.57 1.01 -25.72
CA LEU A 131 17.21 1.66 -24.41
C LEU A 131 17.95 3.00 -24.31
N PHE A 132 19.26 3.01 -24.52
CA PHE A 132 20.10 4.25 -24.51
C PHE A 132 19.55 5.27 -25.52
N THR A 133 19.24 4.85 -26.75
CA THR A 133 18.81 5.82 -27.80
C THR A 133 17.54 6.52 -27.30
N ALA A 134 16.62 5.78 -26.68
CA ALA A 134 15.32 6.35 -26.25
C ALA A 134 15.56 7.21 -25.02
N MET A 135 16.32 6.70 -24.05
CA MET A 135 16.29 7.29 -22.68
C MET A 135 17.34 8.42 -22.55
N ASP A 136 18.27 8.56 -23.49
CA ASP A 136 19.41 9.51 -23.35
C ASP A 136 18.88 10.93 -23.30
N SER A 137 17.73 11.21 -23.91
CA SER A 137 17.14 12.57 -23.89
C SER A 137 16.25 12.86 -22.67
N THR A 138 16.02 11.86 -21.81
CA THR A 138 15.23 12.00 -20.55
C THR A 138 16.18 12.37 -19.40
N ASP A 139 15.66 13.00 -18.33
CA ASP A 139 16.49 13.38 -17.15
C ASP A 139 16.15 12.50 -15.94
N ALA A 140 15.40 11.41 -16.14
CA ALA A 140 15.15 10.41 -15.07
C ALA A 140 16.43 9.60 -14.79
N ASP A 141 16.70 9.31 -13.52
CA ASP A 141 17.67 8.26 -13.13
C ASP A 141 17.11 6.93 -13.64
N VAL A 142 17.91 6.21 -14.43
CA VAL A 142 17.49 4.92 -15.05
C VAL A 142 18.26 3.82 -14.35
N VAL A 143 17.55 2.86 -13.77
CA VAL A 143 18.17 1.67 -13.15
C VAL A 143 17.72 0.43 -13.92
N ILE A 144 18.66 -0.23 -14.59
CA ILE A 144 18.40 -1.39 -15.46
C ILE A 144 18.48 -2.61 -14.56
N TYR A 145 17.51 -3.52 -14.63
CA TYR A 145 17.45 -4.75 -13.81
C TYR A 145 17.78 -5.95 -14.69
N CYS A 146 18.60 -6.88 -14.18
CA CYS A 146 18.95 -8.13 -14.89
C CYS A 146 19.04 -9.25 -13.85
N ARG A 147 19.14 -10.49 -14.30
CA ARG A 147 19.23 -11.64 -13.35
C ARG A 147 20.55 -12.40 -13.53
N ASP A 148 21.19 -12.30 -14.70
CA ASP A 148 22.40 -13.11 -15.05
C ASP A 148 23.66 -12.37 -14.63
N LYS A 149 24.57 -13.04 -13.92
CA LYS A 149 25.85 -12.45 -13.44
C LYS A 149 26.70 -11.89 -14.59
N GLU A 150 26.81 -12.62 -15.70
CA GLU A 150 27.65 -12.17 -16.85
C GLU A 150 26.99 -10.97 -17.56
N TRP A 151 25.66 -10.95 -17.68
CA TRP A 151 24.92 -9.79 -18.23
C TRP A 151 25.15 -8.56 -17.34
N GLU A 152 25.12 -8.71 -16.03
CA GLU A 152 25.38 -7.57 -15.10
C GLU A 152 26.73 -6.92 -15.46
N LYS A 153 27.79 -7.70 -15.63
CA LYS A 153 29.14 -7.19 -15.95
C LYS A 153 29.11 -6.45 -17.29
N LYS A 154 28.48 -7.04 -18.31
CA LYS A 154 28.48 -6.45 -19.68
C LYS A 154 27.66 -5.17 -19.70
N ILE A 155 26.54 -5.12 -18.99
CA ILE A 155 25.69 -3.90 -18.93
C ILE A 155 26.49 -2.83 -18.18
N SER A 156 27.15 -3.21 -17.09
CA SER A 156 27.95 -2.25 -16.28
C SER A 156 29.06 -1.65 -17.15
N GLU A 157 29.74 -2.49 -17.94
CA GLU A 157 30.87 -2.05 -18.79
C GLU A 157 30.33 -1.09 -19.86
N ALA A 158 29.19 -1.42 -20.49
CA ALA A 158 28.60 -0.59 -21.54
C ALA A 158 28.24 0.79 -20.95
N ILE A 159 27.70 0.83 -19.73
CA ILE A 159 27.39 2.13 -19.09
C ILE A 159 28.71 2.90 -18.87
N GLN A 160 29.73 2.24 -18.33
CA GLN A 160 31.01 2.94 -17.99
C GLN A 160 31.69 3.44 -19.26
N MET A 161 31.65 2.67 -20.34
CA MET A 161 32.30 2.99 -21.64
C MET A 161 31.95 4.42 -22.07
N ARG A 162 30.67 4.81 -21.97
CA ARG A 162 30.18 6.10 -22.53
C ARG A 162 30.47 7.29 -21.60
N THR A 163 30.86 7.05 -20.34
CA THR A 163 31.15 8.09 -19.32
C THR A 163 32.65 8.42 -19.29
N GLY B 1 28.61 10.34 16.91
CA GLY B 1 27.92 9.50 17.94
C GLY B 1 26.53 10.04 18.25
N ALA B 2 25.74 9.29 19.00
CA ALA B 2 24.46 9.77 19.56
C ALA B 2 24.83 10.74 20.69
N MET B 3 24.05 11.80 20.98
CA MET B 3 24.45 12.80 22.02
C MET B 3 24.38 12.18 23.42
N ALA B 4 23.54 11.18 23.62
CA ALA B 4 23.51 10.37 24.85
C ALA B 4 23.30 8.92 24.43
N PRO B 5 24.39 8.22 24.04
CA PRO B 5 24.29 6.85 23.51
C PRO B 5 23.40 5.97 24.38
N SER B 6 22.44 5.25 23.77
CA SER B 6 21.41 4.45 24.47
C SER B 6 21.31 3.05 23.83
N TYR B 7 20.67 2.14 24.56
CA TYR B 7 20.10 0.87 24.09
C TYR B 7 18.57 0.96 24.15
N ARG B 8 17.91 0.44 23.12
CA ARG B 8 16.44 0.36 22.99
C ARG B 8 16.09 -1.01 22.42
N VAL B 9 14.95 -1.58 22.79
CA VAL B 9 14.44 -2.81 22.11
C VAL B 9 13.12 -2.49 21.40
N LYS B 10 12.94 -3.07 20.22
CA LYS B 10 11.68 -3.01 19.46
C LYS B 10 11.30 -4.41 18.98
N ARG B 11 10.06 -4.83 19.27
CA ARG B 11 9.48 -6.11 18.80
C ARG B 11 8.82 -5.90 17.43
N MET B 12 9.57 -6.04 16.34
CA MET B 12 9.07 -5.84 14.95
C MET B 12 10.15 -6.30 13.95
N ASP B 13 9.79 -6.27 12.66
CA ASP B 13 10.64 -6.73 11.52
C ASP B 13 11.78 -5.73 11.32
N ILE B 14 13.02 -6.21 11.47
CA ILE B 14 14.23 -5.35 11.39
C ILE B 14 14.35 -4.71 9.99
N ALA B 15 13.75 -5.29 8.94
CA ALA B 15 13.75 -4.68 7.59
C ALA B 15 12.99 -3.33 7.61
N LYS B 16 12.18 -3.08 8.62
CA LYS B 16 11.45 -1.79 8.78
C LYS B 16 12.17 -0.83 9.75
N ASN B 17 13.46 -1.03 10.04
CA ASN B 17 14.18 -0.18 11.05
C ASN B 17 14.35 1.27 10.59
N ASP B 18 14.40 2.20 11.55
CA ASP B 18 14.62 3.64 11.30
C ASP B 18 16.03 4.04 11.77
N GLU B 19 17.00 3.12 11.64
CA GLU B 19 18.42 3.40 12.03
C GLU B 19 19.28 3.64 10.81
N GLU B 20 20.51 4.12 11.03
CA GLU B 20 21.44 4.51 9.95
C GLU B 20 22.08 3.29 9.29
N CYS B 21 21.98 2.11 9.91
CA CYS B 21 22.48 0.85 9.30
C CYS B 21 21.82 -0.35 9.96
N VAL B 22 22.00 -1.51 9.34
CA VAL B 22 21.33 -2.75 9.81
C VAL B 22 22.38 -3.87 9.89
N VAL B 23 22.23 -4.69 10.89
CA VAL B 23 23.04 -5.94 11.07
C VAL B 23 22.15 -7.11 10.65
N ASN B 24 22.59 -7.81 9.63
CA ASN B 24 21.95 -9.06 9.19
C ASN B 24 22.53 -10.22 10.01
N ALA B 25 21.68 -11.12 10.45
CA ALA B 25 22.08 -12.41 11.04
C ALA B 25 22.34 -13.37 9.87
N ALA B 26 23.53 -13.27 9.31
CA ALA B 26 23.89 -13.86 8.00
C ALA B 26 24.31 -15.34 8.15
N ASN B 27 24.26 -16.08 7.03
CA ASN B 27 24.96 -17.37 6.92
C ASN B 27 26.30 -17.09 6.25
N PRO B 28 27.28 -18.03 6.30
CA PRO B 28 28.62 -17.79 5.77
C PRO B 28 28.76 -17.63 4.25
N ARG B 29 27.76 -18.04 3.50
CA ARG B 29 27.84 -18.15 2.03
C ARG B 29 27.07 -17.05 1.35
N GLY B 30 26.47 -16.11 2.10
CA GLY B 30 25.71 -15.00 1.47
C GLY B 30 24.43 -15.47 0.80
N LEU B 31 23.80 -16.53 1.32
CA LEU B 31 22.53 -17.09 0.80
C LEU B 31 21.36 -16.43 1.53
N PRO B 32 20.15 -16.44 0.93
CA PRO B 32 18.94 -15.87 1.55
C PRO B 32 18.53 -16.32 2.96
N GLY B 33 18.57 -17.61 3.27
CA GLY B 33 18.39 -18.05 4.68
C GLY B 33 17.00 -17.83 5.28
N ASP B 34 16.90 -17.88 6.61
CA ASP B 34 15.63 -17.82 7.40
C ASP B 34 15.59 -16.62 8.34
N GLY B 35 14.46 -16.44 9.04
CA GLY B 35 14.23 -15.38 10.03
C GLY B 35 14.66 -14.03 9.50
N VAL B 36 15.46 -13.29 10.29
CA VAL B 36 15.98 -11.93 9.94
C VAL B 36 16.61 -11.94 8.54
N CYS B 37 17.43 -12.93 8.24
CA CYS B 37 18.16 -13.01 6.95
C CYS B 37 17.18 -12.95 5.77
N LYS B 38 16.04 -13.65 5.87
CA LYS B 38 15.00 -13.69 4.79
C LYS B 38 14.40 -12.28 4.64
N ALA B 39 14.11 -11.62 5.77
CA ALA B 39 13.56 -10.24 5.78
C ALA B 39 14.58 -9.30 5.14
N VAL B 40 15.86 -9.45 5.47
CA VAL B 40 16.93 -8.60 4.90
C VAL B 40 17.06 -8.86 3.41
N TYR B 41 17.05 -10.12 2.99
CA TYR B 41 17.18 -10.46 1.56
C TYR B 41 16.00 -9.91 0.73
N LYS B 42 14.81 -9.86 1.33
CA LYS B 42 13.57 -9.36 0.68
C LYS B 42 13.73 -7.87 0.32
N LYS B 43 14.36 -7.07 1.18
CA LYS B 43 14.53 -5.59 0.95
C LYS B 43 15.87 -5.23 0.29
N TRP B 44 16.97 -5.87 0.69
CA TRP B 44 18.33 -5.50 0.23
C TRP B 44 19.01 -6.71 -0.39
N PRO B 45 18.41 -7.38 -1.40
CA PRO B 45 19.03 -8.55 -2.00
C PRO B 45 20.38 -8.19 -2.60
N GLU B 46 20.50 -6.97 -3.11
CA GLU B 46 21.76 -6.57 -3.78
C GLU B 46 22.85 -6.38 -2.72
N SER B 47 22.48 -6.31 -1.42
CA SER B 47 23.47 -6.29 -0.30
C SER B 47 24.16 -7.66 -0.17
N PHE B 48 23.67 -8.69 -0.87
CA PHE B 48 24.24 -10.06 -0.75
C PHE B 48 25.35 -10.32 -1.77
N LYS B 49 25.63 -9.35 -2.66
CA LYS B 49 26.71 -9.46 -3.67
C LYS B 49 28.06 -9.51 -2.94
N ASN B 50 28.78 -10.63 -3.05
CA ASN B 50 30.09 -10.86 -2.38
C ASN B 50 29.94 -10.58 -0.87
N SER B 51 28.89 -11.09 -0.25
CA SER B 51 28.63 -10.99 1.22
C SER B 51 29.20 -12.23 1.95
N ALA B 52 29.58 -13.29 1.23
CA ALA B 52 30.12 -14.52 1.88
C ALA B 52 31.31 -14.16 2.79
N THR B 53 31.33 -14.67 4.02
CA THR B 53 32.35 -14.32 5.05
C THR B 53 32.33 -15.39 6.14
N PRO B 54 33.49 -15.70 6.77
CA PRO B 54 33.57 -16.78 7.76
C PRO B 54 32.75 -16.57 9.03
N VAL B 55 32.49 -17.66 9.75
CA VAL B 55 31.82 -17.63 11.07
C VAL B 55 32.68 -16.76 11.98
N GLY B 56 32.06 -15.93 12.80
CA GLY B 56 32.76 -15.06 13.76
C GLY B 56 33.25 -13.76 13.10
N THR B 57 32.80 -13.46 11.87
CA THR B 57 33.18 -12.23 11.17
C THR B 57 31.95 -11.46 10.73
N ALA B 58 32.19 -10.21 10.32
CA ALA B 58 31.16 -9.30 9.75
C ALA B 58 31.73 -8.68 8.47
N LYS B 59 30.89 -8.60 7.43
CA LYS B 59 31.23 -7.97 6.13
C LYS B 59 30.10 -7.01 5.77
N THR B 60 30.46 -5.76 5.48
CA THR B 60 29.50 -4.66 5.19
C THR B 60 29.41 -4.51 3.68
N VAL B 61 28.19 -4.52 3.14
CA VAL B 61 27.90 -4.19 1.72
C VAL B 61 26.95 -2.98 1.69
N MET B 62 27.35 -1.94 0.96
CA MET B 62 26.63 -0.65 0.84
C MET B 62 25.54 -0.78 -0.23
N CYS B 63 24.30 -0.44 0.11
CA CYS B 63 23.22 -0.22 -0.87
C CYS B 63 23.05 1.29 -0.98
N GLY B 64 23.73 1.91 -1.95
CA GLY B 64 23.85 3.37 -1.99
C GLY B 64 24.66 3.80 -0.78
N THR B 65 24.04 4.61 0.09
CA THR B 65 24.65 5.15 1.33
C THR B 65 24.31 4.27 2.54
N TYR B 66 23.39 3.31 2.39
CA TYR B 66 22.89 2.48 3.52
C TYR B 66 23.77 1.23 3.70
N PRO B 67 24.51 1.11 4.82
CA PRO B 67 25.29 -0.09 5.12
C PRO B 67 24.46 -1.27 5.68
N VAL B 68 24.68 -2.44 5.09
CA VAL B 68 24.15 -3.75 5.57
C VAL B 68 25.34 -4.54 6.06
N ILE B 69 25.40 -4.78 7.38
CA ILE B 69 26.53 -5.47 8.05
C ILE B 69 26.12 -6.94 8.23
N HIS B 70 26.68 -7.82 7.41
CA HIS B 70 26.42 -9.28 7.45
C HIS B 70 27.26 -9.87 8.57
N ALA B 71 26.64 -10.16 9.69
CA ALA B 71 27.36 -10.75 10.85
C ALA B 71 27.07 -12.26 10.93
N VAL B 72 28.11 -13.09 10.92
CA VAL B 72 27.93 -14.57 10.87
C VAL B 72 28.18 -15.14 12.27
N GLY B 73 27.13 -15.38 13.01
CA GLY B 73 27.17 -16.14 14.28
C GLY B 73 27.20 -17.65 13.98
N PRO B 74 27.66 -18.44 14.97
CA PRO B 74 27.84 -19.86 14.75
C PRO B 74 26.46 -20.56 14.74
N ASN B 75 26.38 -21.67 14.00
CA ASN B 75 25.24 -22.62 14.13
C ASN B 75 25.59 -23.60 15.25
N PHE B 76 24.89 -23.53 16.37
CA PHE B 76 25.15 -24.41 17.55
C PHE B 76 24.71 -25.87 17.25
N SER B 77 24.08 -26.19 16.11
CA SER B 77 23.94 -27.61 15.68
C SER B 77 25.32 -28.21 15.28
N ASN B 78 26.24 -27.35 14.82
CA ASN B 78 27.57 -27.74 14.28
C ASN B 78 28.68 -27.47 15.29
N TYR B 79 28.64 -26.32 15.99
CA TYR B 79 29.70 -25.95 16.96
C TYR B 79 29.38 -26.54 18.34
N THR B 80 30.42 -26.85 19.12
CA THR B 80 30.31 -27.18 20.56
C THR B 80 29.87 -25.92 21.32
N GLU B 81 29.39 -26.08 22.55
CA GLU B 81 29.10 -24.93 23.45
C GLU B 81 30.32 -24.00 23.53
N SER B 82 31.51 -24.59 23.73
CA SER B 82 32.78 -23.84 23.93
C SER B 82 33.15 -23.06 22.67
N GLU B 83 33.25 -23.73 21.52
CA GLU B 83 33.72 -23.08 20.27
C GLU B 83 32.66 -22.06 19.81
N GLY B 84 31.38 -22.40 19.91
CA GLY B 84 30.26 -21.52 19.56
C GLY B 84 30.29 -20.26 20.40
N ASP B 85 30.52 -20.40 21.71
CA ASP B 85 30.52 -19.21 22.62
C ASP B 85 31.57 -18.20 22.13
N ARG B 86 32.74 -18.69 21.71
CA ARG B 86 33.87 -17.86 21.25
C ARG B 86 33.51 -17.20 19.92
N GLU B 87 32.95 -17.95 18.98
CA GLU B 87 32.61 -17.43 17.62
C GLU B 87 31.51 -16.37 17.75
N LEU B 88 30.58 -16.57 18.67
CA LEU B 88 29.44 -15.63 18.88
C LEU B 88 29.98 -14.31 19.44
N ALA B 89 30.82 -14.37 20.47
CA ALA B 89 31.56 -13.18 20.97
C ALA B 89 32.30 -12.47 19.82
N ALA B 90 33.02 -13.23 18.97
CA ALA B 90 33.83 -12.69 17.84
C ALA B 90 32.93 -11.93 16.85
N ALA B 91 31.77 -12.49 16.49
CA ALA B 91 30.86 -11.85 15.49
C ALA B 91 30.45 -10.48 16.02
N TYR B 92 30.04 -10.37 17.27
CA TYR B 92 29.62 -9.05 17.85
C TYR B 92 30.81 -8.08 17.91
N ARG B 93 32.01 -8.54 18.29
CA ARG B 93 33.21 -7.69 18.24
C ARG B 93 33.43 -7.11 16.83
N GLU B 94 33.27 -7.92 15.77
N GLU B 94 33.24 -7.91 15.78
CA GLU B 94 33.43 -7.45 14.37
CA GLU B 94 33.44 -7.45 14.39
C GLU B 94 32.33 -6.42 14.03
C GLU B 94 32.33 -6.45 14.00
N VAL B 95 31.12 -6.62 14.54
CA VAL B 95 29.99 -5.67 14.34
C VAL B 95 30.38 -4.31 14.94
N ALA B 96 30.89 -4.30 16.17
CA ALA B 96 31.36 -3.08 16.87
C ALA B 96 32.40 -2.34 16.03
N LYS B 97 33.40 -3.03 15.48
CA LYS B 97 34.43 -2.39 14.64
C LYS B 97 33.80 -1.77 13.40
N GLU B 98 32.86 -2.48 12.79
CA GLU B 98 32.23 -2.01 11.53
C GLU B 98 31.36 -0.77 11.81
N VAL B 99 30.55 -0.83 12.86
CA VAL B 99 29.69 0.31 13.30
C VAL B 99 30.60 1.53 13.53
N THR B 100 31.74 1.35 14.19
CA THR B 100 32.70 2.44 14.49
C THR B 100 33.29 2.97 13.18
N ARG B 101 33.76 2.07 12.30
CA ARG B 101 34.37 2.44 11.00
C ARG B 101 33.39 3.28 10.16
N LEU B 102 32.12 2.89 10.12
CA LEU B 102 31.10 3.54 9.28
C LEU B 102 30.76 4.95 9.80
N GLY B 103 30.94 5.22 11.09
CA GLY B 103 30.63 6.54 11.65
C GLY B 103 29.15 6.81 11.81
N VAL B 104 28.32 5.77 11.77
CA VAL B 104 26.85 5.86 11.96
C VAL B 104 26.55 6.29 13.40
N ASN B 105 25.43 6.97 13.60
CA ASN B 105 24.94 7.42 14.93
C ASN B 105 23.92 6.43 15.50
N SER B 106 23.50 5.45 14.70
CA SER B 106 22.54 4.42 15.13
C SER B 106 22.70 3.12 14.31
N VAL B 107 22.29 2.00 14.90
CA VAL B 107 22.38 0.66 14.27
C VAL B 107 21.22 -0.19 14.80
N ALA B 108 20.57 -0.91 13.89
CA ALA B 108 19.56 -1.96 14.18
C ALA B 108 20.28 -3.31 14.22
N ILE B 109 20.10 -4.06 15.30
N ILE B 109 20.12 -4.04 15.32
CA ILE B 109 20.85 -5.34 15.52
CA ILE B 109 20.85 -5.32 15.60
C ILE B 109 19.91 -6.41 16.07
C ILE B 109 19.87 -6.39 16.05
N PRO B 110 19.92 -7.63 15.48
CA PRO B 110 19.17 -8.75 16.00
C PRO B 110 20.07 -9.54 16.98
N LEU B 111 19.50 -10.48 17.73
CA LEU B 111 20.27 -11.38 18.63
C LEU B 111 20.78 -12.57 17.79
N LEU B 112 22.06 -12.53 17.47
CA LEU B 112 22.74 -13.58 16.67
C LEU B 112 22.65 -14.96 17.38
N SER B 113 22.51 -16.01 16.58
CA SER B 113 22.47 -17.41 16.99
C SER B 113 21.28 -17.74 17.91
N THR B 114 20.16 -17.01 17.85
CA THR B 114 18.99 -17.28 18.73
C THR B 114 17.83 -17.98 17.96
N GLY B 115 17.88 -18.09 16.64
CA GLY B 115 16.78 -18.73 15.88
C GLY B 115 17.21 -20.11 15.41
N VAL B 116 17.26 -20.34 14.10
CA VAL B 116 17.59 -21.67 13.53
C VAL B 116 19.04 -22.04 13.85
N TYR B 117 19.90 -21.08 14.25
CA TYR B 117 21.30 -21.38 14.68
C TYR B 117 21.43 -21.69 16.19
N SER B 118 20.34 -21.73 16.97
CA SER B 118 20.38 -21.91 18.44
C SER B 118 20.64 -23.35 18.85
N GLY B 119 20.57 -24.31 17.92
CA GLY B 119 20.72 -25.73 18.28
C GLY B 119 19.61 -26.18 19.22
N GLY B 120 18.43 -25.55 19.14
CA GLY B 120 17.27 -25.90 19.98
C GLY B 120 17.35 -25.37 21.41
N LYS B 121 18.22 -24.40 21.73
CA LYS B 121 18.37 -23.90 23.13
C LYS B 121 17.97 -22.42 23.21
N ASP B 122 17.49 -21.96 24.37
CA ASP B 122 17.18 -20.54 24.67
C ASP B 122 18.52 -19.80 24.86
N ARG B 123 18.90 -18.92 23.95
CA ARG B 123 20.22 -18.23 24.04
C ARG B 123 20.04 -16.71 24.20
N LEU B 124 18.89 -16.23 24.70
CA LEU B 124 18.65 -14.77 24.84
C LEU B 124 19.77 -14.16 25.68
N THR B 125 20.02 -14.71 26.87
CA THR B 125 20.95 -14.12 27.87
C THR B 125 22.36 -14.18 27.28
N GLN B 126 22.74 -15.32 26.73
CA GLN B 126 24.09 -15.50 26.14
C GLN B 126 24.32 -14.48 25.03
N SER B 127 23.40 -14.42 24.07
CA SER B 127 23.55 -13.57 22.88
C SER B 127 23.52 -12.10 23.29
N LEU B 128 22.63 -11.73 24.19
CA LEU B 128 22.53 -10.34 24.66
C LEU B 128 23.82 -9.93 25.40
N ASN B 129 24.36 -10.79 26.24
CA ASN B 129 25.61 -10.48 26.99
C ASN B 129 26.74 -10.20 25.98
N HIS B 130 26.89 -11.00 24.93
CA HIS B 130 27.98 -10.80 23.94
C HIS B 130 27.71 -9.50 23.17
N LEU B 131 26.44 -9.15 22.92
CA LEU B 131 26.07 -7.88 22.23
C LEU B 131 26.54 -6.69 23.08
N PHE B 132 26.16 -6.68 24.34
CA PHE B 132 26.58 -5.62 25.30
C PHE B 132 28.11 -5.60 25.43
N THR B 133 28.78 -6.75 25.61
CA THR B 133 30.26 -6.75 25.78
C THR B 133 30.92 -6.03 24.58
N ALA B 134 30.45 -6.28 23.36
CA ALA B 134 30.96 -5.66 22.12
C ALA B 134 30.52 -4.19 22.03
N MET B 135 29.24 -3.90 22.20
CA MET B 135 28.68 -2.60 21.78
C MET B 135 28.84 -1.55 22.91
N ASP B 136 29.17 -1.96 24.14
CA ASP B 136 29.19 -1.03 25.31
C ASP B 136 30.17 0.12 25.03
N SER B 137 31.29 -0.17 24.37
CA SER B 137 32.35 0.84 24.12
C SER B 137 32.13 1.72 22.86
N THR B 138 31.06 1.47 22.10
CA THR B 138 30.65 2.28 20.91
C THR B 138 29.68 3.38 21.38
N ASP B 139 29.54 4.45 20.59
CA ASP B 139 28.67 5.61 20.95
C ASP B 139 27.43 5.66 20.06
N ALA B 140 27.18 4.64 19.24
CA ALA B 140 25.95 4.60 18.39
C ALA B 140 24.74 4.27 19.27
N ASP B 141 23.59 4.85 18.93
CA ASP B 141 22.30 4.38 19.50
C ASP B 141 22.10 2.98 18.93
N VAL B 142 21.89 2.00 19.82
CA VAL B 142 21.69 0.58 19.43
C VAL B 142 20.22 0.27 19.68
N VAL B 143 19.54 -0.25 18.65
CA VAL B 143 18.13 -0.69 18.75
C VAL B 143 18.15 -2.18 18.44
N ILE B 144 17.86 -2.97 19.46
CA ILE B 144 17.85 -4.44 19.41
C ILE B 144 16.48 -4.89 18.89
N TYR B 145 16.40 -5.76 17.88
CA TYR B 145 15.11 -6.22 17.30
C TYR B 145 14.87 -7.64 17.73
N CYS B 146 13.61 -7.95 18.03
CA CYS B 146 13.13 -9.30 18.41
C CYS B 146 11.71 -9.50 17.87
N ARG B 147 11.19 -10.72 17.93
CA ARG B 147 9.80 -10.99 17.47
C ARG B 147 8.93 -11.46 18.63
N ASP B 148 9.51 -12.11 19.62
CA ASP B 148 8.74 -12.76 20.72
C ASP B 148 8.46 -11.75 21.86
N LYS B 149 7.21 -11.75 22.35
CA LYS B 149 6.75 -10.81 23.42
C LYS B 149 7.49 -11.06 24.73
N GLU B 150 7.73 -12.32 25.11
CA GLU B 150 8.42 -12.64 26.37
C GLU B 150 9.90 -12.24 26.24
N TRP B 151 10.48 -12.38 25.04
CA TRP B 151 11.87 -11.94 24.73
C TRP B 151 12.00 -10.41 24.86
N GLU B 152 11.11 -9.66 24.22
CA GLU B 152 11.06 -8.17 24.31
C GLU B 152 11.08 -7.76 25.79
N LYS B 153 10.20 -8.35 26.60
CA LYS B 153 10.10 -8.08 28.05
C LYS B 153 11.47 -8.29 28.70
N LYS B 154 12.10 -9.46 28.51
CA LYS B 154 13.38 -9.81 29.19
C LYS B 154 14.52 -8.91 28.71
N ILE B 155 14.60 -8.60 27.41
CA ILE B 155 15.63 -7.68 26.85
C ILE B 155 15.43 -6.28 27.45
N SER B 156 14.19 -5.82 27.50
CA SER B 156 13.84 -4.49 28.04
C SER B 156 14.28 -4.42 29.51
N GLU B 157 13.92 -5.44 30.29
CA GLU B 157 14.33 -5.60 31.72
C GLU B 157 15.85 -5.46 31.79
N ALA B 158 16.57 -6.32 31.06
CA ALA B 158 18.05 -6.39 31.06
C ALA B 158 18.63 -4.99 30.81
N ILE B 159 18.10 -4.25 29.84
CA ILE B 159 18.61 -2.87 29.51
C ILE B 159 18.44 -1.95 30.73
N GLN B 160 17.23 -1.92 31.29
CA GLN B 160 16.84 -0.97 32.38
C GLN B 160 17.66 -1.24 33.64
N MET B 161 18.05 -2.49 33.90
CA MET B 161 18.69 -2.92 35.18
C MET B 161 20.15 -2.45 35.24
N ARG B 162 20.78 -2.16 34.08
CA ARG B 162 22.23 -1.81 34.01
C ARG B 162 22.42 -0.31 34.25
N THR B 163 21.32 0.45 34.20
CA THR B 163 21.31 1.94 34.18
C THR B 163 20.74 2.45 35.51
N GLY C 1 -24.31 8.76 11.59
CA GLY C 1 -23.38 9.57 10.71
C GLY C 1 -23.86 10.99 10.46
N ALA C 2 -23.00 11.80 9.84
CA ALA C 2 -23.29 13.21 9.49
C ALA C 2 -24.47 13.19 8.51
N MET C 3 -25.36 14.18 8.60
CA MET C 3 -26.60 14.30 7.76
C MET C 3 -26.24 14.58 6.28
N ALA C 4 -25.15 15.33 6.04
CA ALA C 4 -24.60 15.65 4.71
C ALA C 4 -23.08 15.55 4.84
N PRO C 5 -22.55 14.30 4.85
CA PRO C 5 -21.13 14.07 5.09
C PRO C 5 -20.26 15.02 4.23
N SER C 6 -19.24 15.61 4.81
CA SER C 6 -18.38 16.61 4.14
C SER C 6 -16.90 16.34 4.40
N TYR C 7 -16.06 16.93 3.57
CA TYR C 7 -14.64 17.19 3.87
C TYR C 7 -14.42 18.68 4.13
N ARG C 8 -13.54 19.02 5.06
CA ARG C 8 -13.08 20.40 5.31
C ARG C 8 -11.60 20.33 5.64
N VAL C 9 -10.89 21.44 5.49
CA VAL C 9 -9.47 21.54 5.92
C VAL C 9 -9.38 22.69 6.90
N LYS C 10 -8.51 22.54 7.90
CA LYS C 10 -8.14 23.56 8.89
C LYS C 10 -6.62 23.64 9.03
N ARG C 11 -6.08 24.87 9.01
CA ARG C 11 -4.68 25.16 9.35
C ARG C 11 -4.63 25.48 10.84
N MET C 12 -4.28 24.50 11.67
CA MET C 12 -4.44 24.55 13.15
C MET C 12 -3.86 23.25 13.73
N ASP C 13 -3.44 23.27 15.00
CA ASP C 13 -2.97 22.09 15.77
C ASP C 13 -4.11 21.05 15.90
N ILE C 14 -3.88 19.86 15.38
CA ILE C 14 -4.88 18.76 15.45
C ILE C 14 -5.13 18.41 16.92
N ALA C 15 -4.22 18.76 17.82
CA ALA C 15 -4.39 18.49 19.26
C ALA C 15 -5.51 19.36 19.86
N LYS C 16 -5.96 20.38 19.14
N LYS C 16 -5.95 20.40 19.15
CA LYS C 16 -7.03 21.33 19.55
CA LYS C 16 -7.04 21.33 19.56
C LYS C 16 -8.27 21.16 18.66
C LYS C 16 -8.27 21.16 18.66
N ASN C 17 -8.42 19.99 18.02
CA ASN C 17 -9.55 19.73 17.09
C ASN C 17 -10.93 19.80 17.78
N ASP C 18 -11.96 19.98 16.97
CA ASP C 18 -13.38 20.12 17.37
C ASP C 18 -14.19 18.92 16.85
N GLU C 19 -13.58 17.74 16.72
CA GLU C 19 -14.25 16.52 16.20
C GLU C 19 -14.38 15.46 17.31
N GLU C 20 -15.20 14.43 17.04
CA GLU C 20 -15.55 13.34 18.02
C GLU C 20 -14.39 12.35 18.20
N CYS C 21 -13.39 12.36 17.34
CA CYS C 21 -12.17 11.53 17.54
C CYS C 21 -11.01 12.11 16.74
N VAL C 22 -9.79 11.58 16.95
CA VAL C 22 -8.58 12.06 16.24
C VAL C 22 -7.80 10.87 15.69
N VAL C 23 -7.12 11.12 14.57
CA VAL C 23 -6.20 10.16 13.94
C VAL C 23 -4.81 10.63 14.32
N ASN C 24 -4.06 9.76 15.01
CA ASN C 24 -2.63 10.00 15.34
C ASN C 24 -1.78 9.50 14.16
N ALA C 25 -0.76 10.24 13.77
CA ALA C 25 0.25 9.73 12.81
C ALA C 25 1.26 8.92 13.62
N ALA C 26 0.90 7.68 13.89
CA ALA C 26 1.51 6.81 14.92
C ALA C 26 2.77 6.11 14.40
N ASN C 27 3.51 5.44 15.31
CA ASN C 27 4.68 4.60 14.93
C ASN C 27 4.37 3.16 15.35
N PRO C 28 5.07 2.17 14.77
CA PRO C 28 4.80 0.76 15.05
C PRO C 28 4.74 0.32 16.53
N ARG C 29 5.58 0.89 17.39
CA ARG C 29 5.73 0.46 18.81
C ARG C 29 5.12 1.51 19.77
N GLY C 30 4.28 2.43 19.28
CA GLY C 30 3.44 3.25 20.17
C GLY C 30 4.23 4.18 21.06
N LEU C 31 5.31 4.76 20.52
CA LEU C 31 6.14 5.76 21.22
C LEU C 31 5.67 7.17 20.88
N PRO C 32 6.03 8.17 21.72
CA PRO C 32 5.64 9.57 21.52
C PRO C 32 6.09 10.18 20.18
N GLY C 33 7.19 9.68 19.62
CA GLY C 33 7.60 10.07 18.25
C GLY C 33 7.84 11.56 18.12
N ASP C 34 7.52 12.11 16.95
CA ASP C 34 7.76 13.54 16.59
C ASP C 34 6.58 14.05 15.76
N GLY C 35 6.54 15.35 15.51
CA GLY C 35 5.48 16.00 14.72
C GLY C 35 4.10 15.77 15.33
N VAL C 36 3.09 15.50 14.50
CA VAL C 36 1.69 15.25 14.98
C VAL C 36 1.75 14.27 16.16
N CYS C 37 2.48 13.16 16.01
CA CYS C 37 2.52 12.04 17.00
C CYS C 37 2.90 12.56 18.40
N LYS C 38 3.84 13.50 18.48
CA LYS C 38 4.31 14.11 19.76
C LYS C 38 3.22 15.03 20.35
N ALA C 39 2.55 15.83 19.53
CA ALA C 39 1.43 16.72 19.95
C ALA C 39 0.28 15.87 20.50
N VAL C 40 -0.04 14.76 19.82
CA VAL C 40 -1.06 13.78 20.27
C VAL C 40 -0.61 13.21 21.63
N TYR C 41 0.65 12.81 21.76
CA TYR C 41 1.18 12.23 23.01
C TYR C 41 1.02 13.26 24.14
N LYS C 42 1.25 14.54 23.90
CA LYS C 42 1.15 15.56 24.97
C LYS C 42 -0.32 15.77 25.36
N LYS C 43 -1.26 15.70 24.41
CA LYS C 43 -2.71 15.97 24.68
C LYS C 43 -3.39 14.73 25.26
N TRP C 44 -3.08 13.54 24.74
CA TRP C 44 -3.79 12.29 25.08
C TRP C 44 -2.83 11.18 25.48
N PRO C 45 -1.95 11.37 26.50
CA PRO C 45 -0.91 10.38 26.80
C PRO C 45 -1.47 8.98 27.15
N GLU C 46 -2.63 8.95 27.83
CA GLU C 46 -3.28 7.68 28.26
C GLU C 46 -3.70 6.85 27.05
N SER C 47 -3.82 7.44 25.85
CA SER C 47 -4.16 6.70 24.60
C SER C 47 -2.97 5.86 24.07
N PHE C 48 -1.76 6.01 24.62
CA PHE C 48 -0.58 5.23 24.16
C PHE C 48 -0.36 3.94 24.97
N LYS C 49 -1.33 3.57 25.83
CA LYS C 49 -1.30 2.26 26.52
C LYS C 49 -1.59 1.14 25.52
N ASN C 50 -0.58 0.28 25.26
CA ASN C 50 -0.72 -0.85 24.30
C ASN C 50 -1.24 -0.35 22.95
N SER C 51 -0.72 0.78 22.47
CA SER C 51 -1.13 1.34 21.15
C SER C 51 -0.27 0.80 20.00
N ALA C 52 0.72 -0.06 20.29
CA ALA C 52 1.62 -0.62 19.26
C ALA C 52 0.77 -1.31 18.20
N THR C 53 1.06 -1.08 16.91
CA THR C 53 0.34 -1.76 15.79
C THR C 53 1.27 -1.75 14.58
N PRO C 54 1.24 -2.75 13.69
CA PRO C 54 2.14 -2.76 12.53
C PRO C 54 1.92 -1.62 11.49
N VAL C 55 2.97 -1.32 10.72
CA VAL C 55 2.86 -0.42 9.53
C VAL C 55 1.67 -0.90 8.68
N GLY C 56 0.86 0.04 8.17
CA GLY C 56 -0.32 -0.24 7.32
C GLY C 56 -1.57 -0.62 8.11
N THR C 57 -1.56 -0.45 9.43
CA THR C 57 -2.71 -0.79 10.30
C THR C 57 -3.04 0.44 11.16
N ALA C 58 -4.19 0.40 11.82
CA ALA C 58 -4.59 1.41 12.81
C ALA C 58 -5.21 0.70 14.01
N LYS C 59 -4.99 1.25 15.18
CA LYS C 59 -5.53 0.68 16.44
C LYS C 59 -6.13 1.81 17.26
N THR C 60 -7.35 1.65 17.74
CA THR C 60 -8.00 2.70 18.53
C THR C 60 -7.75 2.43 20.00
N VAL C 61 -7.22 3.42 20.72
CA VAL C 61 -7.14 3.43 22.21
C VAL C 61 -7.81 4.71 22.74
N MET C 62 -8.67 4.56 23.74
CA MET C 62 -9.47 5.65 24.35
C MET C 62 -8.61 6.42 25.36
N CYS C 63 -8.71 7.74 25.34
CA CYS C 63 -8.24 8.64 26.42
C CYS C 63 -9.49 9.14 27.15
N GLY C 64 -9.78 8.56 28.32
CA GLY C 64 -11.13 8.61 28.93
C GLY C 64 -12.13 7.93 28.02
N THR C 65 -13.02 8.68 27.36
CA THR C 65 -13.98 8.17 26.35
C THR C 65 -13.66 8.74 24.96
N TYR C 66 -12.61 9.55 24.83
CA TYR C 66 -12.21 10.20 23.56
C TYR C 66 -11.30 9.27 22.75
N PRO C 67 -11.77 8.78 21.59
CA PRO C 67 -11.02 7.81 20.80
C PRO C 67 -9.83 8.43 20.05
N VAL C 68 -8.65 7.82 20.20
CA VAL C 68 -7.43 8.13 19.41
C VAL C 68 -7.14 6.93 18.50
N ILE C 69 -7.27 7.12 17.18
CA ILE C 69 -7.01 6.10 16.14
C ILE C 69 -5.54 6.21 15.74
N HIS C 70 -4.74 5.26 16.25
CA HIS C 70 -3.27 5.22 16.00
C HIS C 70 -3.08 4.59 14.62
N ALA C 71 -2.82 5.42 13.61
CA ALA C 71 -2.63 4.99 12.20
C ALA C 71 -1.15 5.04 11.87
N VAL C 72 -0.59 3.86 11.54
CA VAL C 72 0.87 3.80 11.23
C VAL C 72 1.05 3.78 9.72
N GLY C 73 1.34 4.94 9.17
CA GLY C 73 1.79 5.07 7.77
C GLY C 73 3.27 4.73 7.66
N PRO C 74 3.74 4.44 6.45
CA PRO C 74 5.16 4.18 6.25
C PRO C 74 5.99 5.45 6.40
N ASN C 75 7.18 5.27 6.95
CA ASN C 75 8.23 6.30 6.92
C ASN C 75 8.99 6.11 5.60
N PHE C 76 8.86 7.05 4.66
CA PHE C 76 9.42 6.92 3.29
C PHE C 76 10.95 7.06 3.29
N SER C 77 11.57 7.40 4.43
CA SER C 77 13.05 7.29 4.58
C SER C 77 13.46 5.81 4.54
N ASN C 78 12.58 4.89 4.94
CA ASN C 78 12.91 3.45 5.11
C ASN C 78 12.11 2.54 4.17
N TYR C 79 11.17 3.07 3.41
CA TYR C 79 10.32 2.31 2.46
C TYR C 79 10.61 2.77 1.03
N THR C 80 10.62 1.84 0.08
CA THR C 80 10.67 2.21 -1.36
C THR C 80 9.37 2.93 -1.72
N GLU C 81 9.34 3.62 -2.87
CA GLU C 81 8.09 4.22 -3.41
C GLU C 81 7.01 3.15 -3.57
N SER C 82 7.31 1.96 -4.13
CA SER C 82 6.33 0.89 -4.37
C SER C 82 5.78 0.33 -3.04
N GLU C 83 6.66 -0.09 -2.11
CA GLU C 83 6.18 -0.75 -0.87
C GLU C 83 5.42 0.29 -0.03
N GLY C 84 5.94 1.50 0.05
CA GLY C 84 5.35 2.58 0.87
C GLY C 84 4.02 3.01 0.33
N ASP C 85 3.84 3.05 -0.99
CA ASP C 85 2.52 3.45 -1.54
C ASP C 85 1.47 2.46 -1.05
N ARG C 86 1.78 1.15 -1.03
CA ARG C 86 0.79 0.11 -0.66
C ARG C 86 0.48 0.17 0.86
N GLU C 87 1.49 0.45 1.70
CA GLU C 87 1.27 0.57 3.18
C GLU C 87 0.48 1.85 3.51
N LEU C 88 0.71 2.92 2.77
CA LEU C 88 0.01 4.21 2.99
C LEU C 88 -1.47 3.98 2.70
N ALA C 89 -1.80 3.37 1.56
CA ALA C 89 -3.18 3.03 1.17
C ALA C 89 -3.85 2.17 2.26
N ALA C 90 -3.15 1.14 2.79
CA ALA C 90 -3.67 0.21 3.80
C ALA C 90 -3.94 0.94 5.13
N ALA C 91 -3.08 1.85 5.54
CA ALA C 91 -3.21 2.61 6.81
C ALA C 91 -4.49 3.44 6.75
N TYR C 92 -4.73 4.12 5.64
CA TYR C 92 -5.99 4.87 5.46
C TYR C 92 -7.23 3.95 5.47
N ARG C 93 -7.15 2.78 4.81
N ARG C 93 -7.16 2.79 4.80
CA ARG C 93 -8.28 1.81 4.76
CA ARG C 93 -8.31 1.85 4.78
C ARG C 93 -8.64 1.35 6.18
C ARG C 93 -8.64 1.44 6.22
N GLU C 94 -7.63 1.17 7.03
CA GLU C 94 -7.85 0.77 8.44
C GLU C 94 -8.43 1.95 9.25
N VAL C 95 -8.08 3.21 8.94
CA VAL C 95 -8.69 4.42 9.57
C VAL C 95 -10.18 4.42 9.29
N ALA C 96 -10.59 4.15 8.04
CA ALA C 96 -12.00 4.11 7.62
C ALA C 96 -12.75 3.05 8.44
N LYS C 97 -12.15 1.85 8.57
CA LYS C 97 -12.71 0.76 9.42
C LYS C 97 -12.90 1.24 10.87
N GLU C 98 -11.91 1.88 11.46
CA GLU C 98 -11.99 2.28 12.90
C GLU C 98 -13.00 3.40 13.09
N VAL C 99 -13.03 4.39 12.18
CA VAL C 99 -14.04 5.49 12.26
C VAL C 99 -15.43 4.86 12.20
N THR C 100 -15.66 3.93 11.28
CA THR C 100 -16.97 3.27 11.09
C THR C 100 -17.33 2.49 12.37
N ARG C 101 -16.42 1.65 12.84
CA ARG C 101 -16.64 0.77 14.02
C ARG C 101 -17.05 1.65 15.22
N LEU C 102 -16.42 2.80 15.45
CA LEU C 102 -16.73 3.72 16.59
C LEU C 102 -18.11 4.39 16.48
N GLY C 103 -18.70 4.52 15.30
CA GLY C 103 -20.00 5.20 15.12
C GLY C 103 -19.91 6.71 15.27
N VAL C 104 -18.73 7.31 15.23
CA VAL C 104 -18.57 8.80 15.33
C VAL C 104 -19.19 9.51 14.10
N ASN C 105 -19.57 10.77 14.29
CA ASN C 105 -20.17 11.63 13.23
C ASN C 105 -19.06 12.50 12.64
N SER C 106 -17.88 12.55 13.27
CA SER C 106 -16.77 13.41 12.77
C SER C 106 -15.43 12.86 13.23
N VAL C 107 -14.39 13.18 12.46
CA VAL C 107 -12.99 12.73 12.72
C VAL C 107 -12.01 13.80 12.23
N ALA C 108 -10.99 14.06 13.04
CA ALA C 108 -9.85 14.96 12.74
C ALA C 108 -8.72 14.07 12.24
N ILE C 109 -8.20 14.37 11.04
N ILE C 109 -8.17 14.39 11.06
CA ILE C 109 -7.19 13.50 10.33
CA ILE C 109 -7.17 13.50 10.40
C ILE C 109 -6.04 14.38 9.86
C ILE C 109 -6.04 14.37 9.85
N PRO C 110 -4.77 13.94 10.07
CA PRO C 110 -3.61 14.55 9.42
C PRO C 110 -3.28 13.80 8.12
N LEU C 111 -2.43 14.38 7.27
CA LEU C 111 -2.02 13.67 6.04
C LEU C 111 -0.89 12.72 6.45
N LEU C 112 -1.16 11.43 6.47
CA LEU C 112 -0.16 10.43 6.89
C LEU C 112 1.01 10.43 5.91
N SER C 113 2.21 10.20 6.44
CA SER C 113 3.47 10.00 5.70
C SER C 113 3.94 11.27 4.98
N THR C 114 3.50 12.44 5.46
CA THR C 114 4.10 13.75 5.12
C THR C 114 4.98 14.13 6.33
N GLY C 115 5.49 15.37 6.33
CA GLY C 115 6.42 15.88 7.36
C GLY C 115 7.56 14.91 7.61
N VAL C 116 7.75 14.52 8.87
CA VAL C 116 8.90 13.67 9.33
C VAL C 116 8.96 12.35 8.55
N TYR C 117 7.80 11.80 8.12
CA TYR C 117 7.69 10.48 7.44
C TYR C 117 7.71 10.63 5.90
N SER C 118 8.01 11.83 5.38
CA SER C 118 7.94 12.15 3.93
C SER C 118 9.16 11.62 3.15
N GLY C 119 10.27 11.32 3.84
CA GLY C 119 11.54 10.99 3.17
C GLY C 119 12.05 12.15 2.34
N GLY C 120 11.66 13.39 2.69
CA GLY C 120 12.09 14.62 2.02
C GLY C 120 11.32 14.92 0.76
N LYS C 121 10.20 14.23 0.47
CA LYS C 121 9.44 14.49 -0.78
C LYS C 121 8.11 15.17 -0.46
N ASP C 122 7.56 15.92 -1.41
CA ASP C 122 6.22 16.55 -1.27
C ASP C 122 5.18 15.47 -1.55
N ARG C 123 4.44 15.01 -0.51
CA ARG C 123 3.49 13.87 -0.66
C ARG C 123 2.06 14.33 -0.41
N LEU C 124 1.75 15.62 -0.63
CA LEU C 124 0.37 16.13 -0.40
C LEU C 124 -0.63 15.36 -1.26
N THR C 125 -0.44 15.38 -2.58
CA THR C 125 -1.38 14.73 -3.54
C THR C 125 -1.46 13.24 -3.23
N GLN C 126 -0.31 12.60 -3.03
CA GLN C 126 -0.30 11.13 -2.77
C GLN C 126 -1.11 10.82 -1.50
N SER C 127 -0.82 11.49 -0.40
CA SER C 127 -1.48 11.18 0.90
C SER C 127 -2.99 11.49 0.81
N LEU C 128 -3.34 12.63 0.19
CA LEU C 128 -4.74 13.09 0.09
C LEU C 128 -5.55 12.13 -0.80
N ASN C 129 -4.97 11.67 -1.92
CA ASN C 129 -5.65 10.66 -2.79
C ASN C 129 -5.97 9.41 -1.95
N HIS C 130 -5.02 8.88 -1.19
CA HIS C 130 -5.23 7.67 -0.35
C HIS C 130 -6.29 7.97 0.72
N LEU C 131 -6.31 9.18 1.27
CA LEU C 131 -7.31 9.60 2.30
C LEU C 131 -8.71 9.50 1.67
N PHE C 132 -8.91 10.14 0.51
CA PHE C 132 -10.21 10.16 -0.21
C PHE C 132 -10.64 8.74 -0.58
N THR C 133 -9.71 7.90 -1.09
CA THR C 133 -10.02 6.51 -1.53
C THR C 133 -10.61 5.72 -0.35
N ALA C 134 -10.09 5.92 0.87
CA ALA C 134 -10.54 5.21 2.08
C ALA C 134 -11.81 5.87 2.66
N MET C 135 -11.84 7.20 2.72
CA MET C 135 -12.88 7.92 3.51
C MET C 135 -14.12 8.24 2.67
N ASP C 136 -14.09 8.10 1.35
CA ASP C 136 -15.25 8.52 0.52
C ASP C 136 -16.46 7.65 0.86
N SER C 137 -16.29 6.38 1.24
CA SER C 137 -17.42 5.47 1.49
C SER C 137 -17.92 5.59 2.95
N THR C 138 -17.30 6.43 3.77
CA THR C 138 -17.73 6.71 5.17
C THR C 138 -18.67 7.91 5.21
N ASP C 139 -19.49 8.00 6.27
CA ASP C 139 -20.51 9.07 6.40
C ASP C 139 -20.11 10.04 7.50
N ALA C 140 -18.88 9.97 8.01
CA ALA C 140 -18.39 10.94 9.03
C ALA C 140 -18.02 12.24 8.35
N ASP C 141 -18.22 13.38 9.04
CA ASP C 141 -17.58 14.65 8.65
C ASP C 141 -16.07 14.48 8.87
N VAL C 142 -15.27 14.70 7.83
CA VAL C 142 -13.80 14.54 7.90
C VAL C 142 -13.17 15.92 7.89
N VAL C 143 -12.37 16.24 8.89
CA VAL C 143 -11.66 17.53 8.97
C VAL C 143 -10.18 17.23 8.89
N ILE C 144 -9.54 17.70 7.83
CA ILE C 144 -8.08 17.50 7.59
C ILE C 144 -7.33 18.67 8.20
N TYR C 145 -6.32 18.39 9.01
CA TYR C 145 -5.53 19.42 9.71
C TYR C 145 -4.16 19.55 9.03
N CYS C 146 -3.74 20.78 8.74
CA CYS C 146 -2.36 21.07 8.26
C CYS C 146 -1.78 22.27 9.01
N ARG C 147 -0.51 22.57 8.75
CA ARG C 147 0.24 23.69 9.37
C ARG C 147 0.62 24.74 8.31
N ASP C 148 0.90 24.31 7.07
CA ASP C 148 1.45 25.18 5.99
C ASP C 148 0.32 25.89 5.23
N LYS C 149 0.45 27.19 4.95
CA LYS C 149 -0.63 27.95 4.25
C LYS C 149 -0.77 27.48 2.80
N GLU C 150 0.32 27.11 2.13
CA GLU C 150 0.26 26.63 0.72
C GLU C 150 -0.46 25.27 0.67
N TRP C 151 -0.19 24.40 1.63
CA TRP C 151 -0.90 23.09 1.76
C TRP C 151 -2.38 23.31 2.02
N GLU C 152 -2.77 24.19 2.95
CA GLU C 152 -4.19 24.50 3.21
C GLU C 152 -4.91 24.82 1.89
N LYS C 153 -4.30 25.67 1.05
CA LYS C 153 -4.93 26.15 -0.22
C LYS C 153 -5.06 24.96 -1.20
N LYS C 154 -3.99 24.20 -1.41
CA LYS C 154 -4.01 23.00 -2.29
C LYS C 154 -5.11 22.04 -1.82
N ILE C 155 -5.14 21.72 -0.52
CA ILE C 155 -6.14 20.74 0.03
C ILE C 155 -7.54 21.29 -0.20
N SER C 156 -7.78 22.57 0.10
CA SER C 156 -9.10 23.19 -0.10
C SER C 156 -9.53 23.07 -1.58
N GLU C 157 -8.63 23.38 -2.51
CA GLU C 157 -8.89 23.33 -3.97
C GLU C 157 -9.25 21.90 -4.38
N ALA C 158 -8.52 20.90 -3.86
CA ALA C 158 -8.77 19.48 -4.14
C ALA C 158 -10.16 19.06 -3.66
N ILE C 159 -10.57 19.51 -2.46
CA ILE C 159 -11.93 19.20 -1.91
C ILE C 159 -12.97 19.83 -2.84
N GLN C 160 -12.78 21.11 -3.19
CA GLN C 160 -13.74 21.89 -4.01
C GLN C 160 -13.87 21.31 -5.43
N MET C 161 -12.79 20.87 -6.07
CA MET C 161 -12.82 20.29 -7.44
C MET C 161 -13.94 19.24 -7.55
N ARG C 162 -14.18 18.43 -6.51
CA ARG C 162 -15.03 17.18 -6.57
C ARG C 162 -16.51 17.46 -6.24
N THR C 163 -16.82 18.58 -5.58
CA THR C 163 -18.19 18.99 -5.22
C THR C 163 -18.89 19.54 -6.47
N PRO D 5 -46.51 -6.64 -4.59
CA PRO D 5 -45.63 -6.26 -5.72
C PRO D 5 -45.23 -7.46 -6.59
N SER D 6 -44.82 -7.19 -7.84
N SER D 6 -44.84 -7.18 -7.85
CA SER D 6 -44.34 -8.17 -8.84
CA SER D 6 -44.34 -8.16 -8.85
C SER D 6 -42.86 -7.91 -9.16
C SER D 6 -42.85 -7.90 -9.12
N TYR D 7 -42.06 -8.98 -9.23
CA TYR D 7 -40.58 -8.88 -9.39
C TYR D 7 -40.17 -9.42 -10.75
N ARG D 8 -39.32 -8.69 -11.45
CA ARG D 8 -38.63 -9.14 -12.68
C ARG D 8 -37.14 -8.83 -12.53
N VAL D 9 -36.33 -9.44 -13.38
CA VAL D 9 -34.87 -9.12 -13.44
C VAL D 9 -34.50 -8.84 -14.88
N LYS D 10 -33.60 -7.89 -15.13
CA LYS D 10 -33.09 -7.58 -16.47
C LYS D 10 -31.58 -7.48 -16.37
N ARG D 11 -30.86 -8.00 -17.37
CA ARG D 11 -29.39 -7.87 -17.51
C ARG D 11 -29.09 -6.71 -18.47
N MET D 12 -29.10 -5.48 -17.95
CA MET D 12 -28.76 -4.27 -18.74
C MET D 12 -28.37 -3.12 -17.79
N ASP D 13 -27.87 -2.02 -18.35
CA ASP D 13 -27.51 -0.78 -17.61
C ASP D 13 -28.80 -0.20 -17.03
N ILE D 14 -28.86 -0.06 -15.71
CA ILE D 14 -30.01 0.54 -14.97
C ILE D 14 -30.23 1.99 -15.43
N ALA D 15 -29.22 2.63 -16.02
CA ALA D 15 -29.30 3.99 -16.59
C ALA D 15 -30.23 4.00 -17.81
N LYS D 16 -30.57 2.84 -18.37
CA LYS D 16 -31.50 2.71 -19.54
C LYS D 16 -32.78 1.97 -19.12
N ASN D 17 -33.15 2.02 -17.84
CA ASN D 17 -34.36 1.33 -17.32
C ASN D 17 -35.64 1.86 -17.97
N ASP D 18 -36.70 1.05 -17.89
CA ASP D 18 -38.05 1.33 -18.44
C ASP D 18 -39.05 1.51 -17.30
N GLU D 19 -38.64 1.99 -16.12
CA GLU D 19 -39.56 2.15 -14.97
C GLU D 19 -39.73 3.65 -14.63
N GLU D 20 -40.65 3.95 -13.73
CA GLU D 20 -41.03 5.36 -13.39
C GLU D 20 -40.05 6.06 -12.45
N CYS D 21 -39.11 5.32 -11.84
CA CYS D 21 -38.04 5.89 -11.00
C CYS D 21 -36.90 4.89 -10.87
N VAL D 22 -35.77 5.38 -10.38
CA VAL D 22 -34.54 4.55 -10.30
C VAL D 22 -33.99 4.67 -8.90
N VAL D 23 -33.37 3.59 -8.43
CA VAL D 23 -32.63 3.59 -7.15
C VAL D 23 -31.15 3.68 -7.50
N ASN D 24 -30.48 4.71 -7.03
CA ASN D 24 -29.01 4.77 -7.16
C ASN D 24 -28.35 3.99 -6.03
N ALA D 25 -27.35 3.16 -6.35
CA ALA D 25 -26.41 2.59 -5.35
C ALA D 25 -25.38 3.67 -5.01
N ALA D 26 -25.74 4.55 -4.10
CA ALA D 26 -25.06 5.84 -3.89
C ALA D 26 -23.92 5.65 -2.89
N ASN D 27 -23.04 6.62 -2.85
CA ASN D 27 -22.11 6.83 -1.72
C ASN D 27 -22.67 7.92 -0.81
N PRO D 28 -22.19 7.94 0.45
CA PRO D 28 -22.73 8.90 1.41
C PRO D 28 -22.50 10.38 1.08
N ARG D 29 -21.52 10.68 0.22
CA ARG D 29 -21.05 12.08 -0.04
C ARG D 29 -21.68 12.67 -1.30
N GLY D 30 -22.53 11.94 -2.01
CA GLY D 30 -23.12 12.43 -3.27
C GLY D 30 -22.07 12.61 -4.35
N LEU D 31 -21.00 11.82 -4.34
CA LEU D 31 -19.92 11.88 -5.34
C LEU D 31 -20.33 11.06 -6.55
N PRO D 32 -19.78 11.34 -7.74
CA PRO D 32 -20.00 10.52 -8.93
C PRO D 32 -19.67 9.02 -8.80
N GLY D 33 -18.59 8.67 -8.08
CA GLY D 33 -18.28 7.25 -7.77
C GLY D 33 -17.90 6.42 -9.00
N ASP D 34 -18.26 5.14 -8.98
CA ASP D 34 -18.03 4.17 -10.08
C ASP D 34 -19.20 3.17 -10.09
N GLY D 35 -19.19 2.21 -11.02
CA GLY D 35 -20.27 1.22 -11.17
C GLY D 35 -21.59 1.89 -11.49
N VAL D 36 -22.68 1.41 -10.86
CA VAL D 36 -24.07 1.96 -11.05
C VAL D 36 -24.03 3.48 -10.83
N CYS D 37 -23.37 3.92 -9.76
CA CYS D 37 -23.33 5.33 -9.32
C CYS D 37 -22.79 6.22 -10.44
N LYS D 38 -21.75 5.79 -11.15
CA LYS D 38 -21.14 6.58 -12.26
C LYS D 38 -22.13 6.67 -13.43
N ALA D 39 -22.75 5.56 -13.83
CA ALA D 39 -23.74 5.51 -14.94
C ALA D 39 -24.94 6.38 -14.58
N VAL D 40 -25.36 6.37 -13.31
CA VAL D 40 -26.48 7.20 -12.79
C VAL D 40 -26.07 8.67 -12.86
N TYR D 41 -24.83 9.00 -12.50
CA TYR D 41 -24.31 10.40 -12.57
C TYR D 41 -24.27 10.89 -14.02
N LYS D 42 -23.90 10.03 -14.96
CA LYS D 42 -23.81 10.42 -16.40
C LYS D 42 -25.22 10.64 -16.96
N LYS D 43 -26.21 9.87 -16.50
CA LYS D 43 -27.59 9.89 -17.06
C LYS D 43 -28.44 10.98 -16.41
N TRP D 44 -28.29 11.18 -15.09
CA TRP D 44 -29.13 12.14 -14.30
C TRP D 44 -28.24 13.01 -13.41
N PRO D 45 -27.26 13.74 -13.95
CA PRO D 45 -26.33 14.49 -13.08
C PRO D 45 -27.07 15.51 -12.19
N GLU D 46 -28.21 16.03 -12.64
CA GLU D 46 -28.93 17.09 -11.88
C GLU D 46 -29.42 16.49 -10.57
N SER D 47 -29.60 15.16 -10.51
CA SER D 47 -30.15 14.48 -9.30
C SER D 47 -29.09 14.43 -8.19
N PHE D 48 -27.85 14.89 -8.43
CA PHE D 48 -26.78 14.86 -7.39
C PHE D 48 -26.67 16.20 -6.65
N LYS D 49 -27.57 17.15 -6.90
CA LYS D 49 -27.69 18.38 -6.07
C LYS D 49 -28.14 18.00 -4.66
N ASN D 50 -27.25 18.18 -3.67
CA ASN D 50 -27.54 17.86 -2.24
C ASN D 50 -28.06 16.41 -2.12
N SER D 51 -27.47 15.45 -2.81
CA SER D 51 -27.84 14.02 -2.65
C SER D 51 -27.09 13.34 -1.49
N ALA D 52 -26.06 13.95 -0.91
CA ALA D 52 -25.32 13.37 0.24
C ALA D 52 -26.32 12.99 1.33
N THR D 53 -26.12 11.82 1.96
CA THR D 53 -27.04 11.25 2.98
C THR D 53 -26.28 10.14 3.69
N PRO D 54 -26.62 9.85 4.96
CA PRO D 54 -25.84 8.86 5.69
C PRO D 54 -26.07 7.40 5.22
N VAL D 55 -25.13 6.54 5.58
CA VAL D 55 -25.29 5.08 5.39
C VAL D 55 -26.63 4.64 5.97
N GLY D 56 -27.33 3.73 5.28
CA GLY D 56 -28.61 3.16 5.74
C GLY D 56 -29.78 4.08 5.48
N THR D 57 -29.58 5.17 4.71
CA THR D 57 -30.67 6.12 4.34
C THR D 57 -30.83 6.21 2.83
N ALA D 58 -32.00 6.71 2.44
CA ALA D 58 -32.34 6.98 1.02
C ALA D 58 -32.81 8.44 0.94
N LYS D 59 -32.35 9.17 -0.07
CA LYS D 59 -32.72 10.58 -0.33
C LYS D 59 -33.10 10.70 -1.81
N THR D 60 -34.35 11.10 -2.08
CA THR D 60 -34.88 11.27 -3.45
C THR D 60 -34.54 12.68 -3.94
N VAL D 61 -33.90 12.80 -5.09
CA VAL D 61 -33.70 14.08 -5.83
C VAL D 61 -34.24 13.91 -7.25
N MET D 62 -35.04 14.87 -7.69
CA MET D 62 -35.66 14.87 -9.04
C MET D 62 -34.61 15.26 -10.08
N CYS D 63 -34.57 14.54 -11.20
CA CYS D 63 -33.96 14.99 -12.47
C CYS D 63 -35.11 15.33 -13.42
N GLY D 64 -35.42 16.62 -13.56
CA GLY D 64 -36.70 17.06 -14.17
C GLY D 64 -37.86 16.57 -13.33
N THR D 65 -38.69 15.66 -13.85
CA THR D 65 -39.81 15.01 -13.10
C THR D 65 -39.47 13.55 -12.77
N TYR D 66 -38.26 13.09 -13.12
CA TYR D 66 -37.84 11.67 -12.94
C TYR D 66 -37.15 11.52 -11.57
N PRO D 67 -37.74 10.77 -10.63
CA PRO D 67 -37.15 10.62 -9.30
C PRO D 67 -35.96 9.66 -9.30
N VAL D 68 -34.85 10.10 -8.73
CA VAL D 68 -33.67 9.24 -8.44
C VAL D 68 -33.59 9.10 -6.92
N ILE D 69 -33.78 7.88 -6.43
CA ILE D 69 -33.75 7.53 -4.99
C ILE D 69 -32.32 7.12 -4.66
N HIS D 70 -31.52 8.00 -4.08
CA HIS D 70 -30.10 7.68 -3.73
C HIS D 70 -30.09 6.87 -2.45
N ALA D 71 -29.85 5.56 -2.54
CA ALA D 71 -29.84 4.62 -1.40
C ALA D 71 -28.39 4.30 -1.02
N VAL D 72 -28.00 4.58 0.22
CA VAL D 72 -26.59 4.38 0.63
C VAL D 72 -26.49 3.04 1.41
N GLY D 73 -26.13 1.97 0.71
CA GLY D 73 -25.76 0.70 1.37
C GLY D 73 -24.41 0.81 2.07
N PRO D 74 -24.13 -0.06 3.07
CA PRO D 74 -22.86 -0.08 3.75
C PRO D 74 -21.72 -0.59 2.85
N ASN D 75 -20.54 -0.03 3.02
CA ASN D 75 -19.29 -0.61 2.46
C ASN D 75 -18.78 -1.67 3.46
N PHE D 76 -18.90 -2.94 3.10
CA PHE D 76 -18.47 -4.07 3.97
C PHE D 76 -16.95 -4.10 4.13
N SER D 77 -16.16 -3.33 3.37
CA SER D 77 -14.73 -3.08 3.74
C SER D 77 -14.62 -2.33 5.07
N ASN D 78 -15.61 -1.51 5.45
CA ASN D 78 -15.53 -0.68 6.69
C ASN D 78 -16.38 -1.27 7.84
N TYR D 79 -17.55 -1.83 7.54
CA TYR D 79 -18.55 -2.37 8.50
C TYR D 79 -18.18 -3.84 8.83
N THR D 80 -18.41 -4.25 10.07
CA THR D 80 -18.51 -5.69 10.46
C THR D 80 -19.70 -6.32 9.73
N GLU D 81 -19.66 -7.64 9.56
CA GLU D 81 -20.85 -8.37 9.05
C GLU D 81 -22.11 -8.01 9.81
N SER D 82 -22.06 -7.92 11.14
CA SER D 82 -23.27 -7.72 11.98
C SER D 82 -23.83 -6.31 11.71
N GLU D 83 -23.00 -5.25 11.83
CA GLU D 83 -23.48 -3.83 11.76
C GLU D 83 -23.90 -3.52 10.32
N GLY D 84 -23.14 -4.05 9.37
CA GLY D 84 -23.38 -3.96 7.91
C GLY D 84 -24.71 -4.55 7.53
N ASP D 85 -25.04 -5.72 8.08
CA ASP D 85 -26.33 -6.38 7.76
C ASP D 85 -27.48 -5.47 8.17
N ARG D 86 -27.40 -4.82 9.35
CA ARG D 86 -28.42 -3.88 9.89
C ARG D 86 -28.58 -2.68 8.90
N GLU D 87 -27.44 -2.13 8.42
CA GLU D 87 -27.45 -0.91 7.56
C GLU D 87 -27.97 -1.28 6.16
N LEU D 88 -27.72 -2.50 5.66
CA LEU D 88 -28.25 -2.94 4.35
C LEU D 88 -29.77 -3.09 4.42
N ALA D 89 -30.28 -3.75 5.47
CA ALA D 89 -31.72 -3.78 5.80
C ALA D 89 -32.31 -2.37 5.77
N ALA D 90 -31.68 -1.43 6.48
CA ALA D 90 -32.20 -0.05 6.70
C ALA D 90 -32.30 0.69 5.36
N ALA D 91 -31.24 0.62 4.55
CA ALA D 91 -31.17 1.27 3.22
C ALA D 91 -32.38 0.81 2.40
N TYR D 92 -32.63 -0.49 2.32
CA TYR D 92 -33.77 -1.00 1.52
C TYR D 92 -35.10 -0.58 2.14
N ARG D 93 -35.25 -0.62 3.46
CA ARG D 93 -36.47 -0.10 4.12
C ARG D 93 -36.74 1.37 3.74
N GLU D 94 -35.71 2.22 3.72
CA GLU D 94 -35.86 3.64 3.37
C GLU D 94 -36.22 3.78 1.88
N VAL D 95 -35.73 2.89 1.01
CA VAL D 95 -36.13 2.82 -0.42
C VAL D 95 -37.63 2.58 -0.52
N ALA D 96 -38.14 1.54 0.15
CA ALA D 96 -39.58 1.16 0.10
C ALA D 96 -40.45 2.35 0.57
N LYS D 97 -40.05 3.04 1.62
CA LYS D 97 -40.83 4.21 2.13
C LYS D 97 -40.89 5.29 1.03
N GLU D 98 -39.79 5.55 0.32
CA GLU D 98 -39.76 6.55 -0.77
C GLU D 98 -40.62 6.08 -1.94
N VAL D 99 -40.53 4.81 -2.35
CA VAL D 99 -41.38 4.24 -3.44
C VAL D 99 -42.87 4.45 -3.11
N THR D 100 -43.31 4.17 -1.88
CA THR D 100 -44.72 4.34 -1.46
C THR D 100 -45.08 5.83 -1.50
N ARG D 101 -44.28 6.68 -0.85
CA ARG D 101 -44.51 8.14 -0.76
C ARG D 101 -44.64 8.73 -2.17
N LEU D 102 -43.81 8.28 -3.13
CA LEU D 102 -43.76 8.85 -4.49
C LEU D 102 -45.00 8.40 -5.27
N GLY D 103 -45.61 7.29 -4.85
CA GLY D 103 -46.82 6.71 -5.46
C GLY D 103 -46.59 6.21 -6.87
N VAL D 104 -45.34 5.90 -7.23
CA VAL D 104 -44.99 5.32 -8.56
C VAL D 104 -45.60 3.91 -8.74
N ASN D 105 -45.79 3.51 -9.99
CA ASN D 105 -46.27 2.16 -10.37
C ASN D 105 -45.10 1.18 -10.51
N SER D 106 -43.88 1.68 -10.69
CA SER D 106 -42.70 0.83 -11.02
C SER D 106 -41.42 1.50 -10.55
N VAL D 107 -40.42 0.69 -10.22
CA VAL D 107 -39.09 1.13 -9.74
C VAL D 107 -38.04 0.16 -10.27
N ALA D 108 -36.93 0.73 -10.77
CA ALA D 108 -35.66 0.07 -11.15
C ALA D 108 -34.69 0.11 -9.98
N ILE D 109 -34.17 -1.06 -9.58
N ILE D 109 -34.21 -1.08 -9.56
CA ILE D 109 -33.36 -1.20 -8.33
CA ILE D 109 -33.38 -1.28 -8.33
C ILE D 109 -32.19 -2.16 -8.59
C ILE D 109 -32.17 -2.13 -8.69
N PRO D 110 -30.96 -1.76 -8.22
CA PRO D 110 -29.80 -2.66 -8.26
C PRO D 110 -29.61 -3.37 -6.92
N LEU D 111 -28.71 -4.36 -6.86
CA LEU D 111 -28.40 -5.07 -5.58
C LEU D 111 -27.38 -4.27 -4.81
N LEU D 112 -27.88 -3.53 -3.83
CA LEU D 112 -27.04 -2.66 -2.96
C LEU D 112 -25.94 -3.51 -2.29
N SER D 113 -24.73 -2.98 -2.21
CA SER D 113 -23.57 -3.51 -1.45
C SER D 113 -23.00 -4.79 -2.11
N THR D 114 -23.25 -5.05 -3.40
CA THR D 114 -22.78 -6.30 -4.08
C THR D 114 -21.62 -6.08 -5.05
N GLY D 115 -21.20 -4.84 -5.24
CA GLY D 115 -20.07 -4.44 -6.12
C GLY D 115 -18.87 -4.04 -5.30
N VAL D 116 -18.35 -2.83 -5.51
CA VAL D 116 -17.17 -2.36 -4.75
C VAL D 116 -17.49 -2.22 -3.25
N TYR D 117 -18.75 -2.29 -2.81
CA TYR D 117 -19.09 -2.22 -1.36
C TYR D 117 -19.23 -3.63 -0.77
N SER D 118 -18.91 -4.69 -1.54
CA SER D 118 -19.11 -6.11 -1.14
C SER D 118 -18.02 -6.57 -0.16
N GLY D 119 -16.93 -5.82 -0.01
CA GLY D 119 -15.79 -6.28 0.81
C GLY D 119 -15.18 -7.59 0.29
N GLY D 120 -15.30 -7.85 -1.03
CA GLY D 120 -14.70 -9.00 -1.72
C GLY D 120 -15.56 -10.26 -1.61
N LYS D 121 -16.77 -10.16 -1.06
CA LYS D 121 -17.63 -11.34 -0.82
C LYS D 121 -18.78 -11.35 -1.83
N ASP D 122 -19.32 -12.53 -2.13
CA ASP D 122 -20.55 -12.71 -2.94
C ASP D 122 -21.75 -12.47 -2.03
N ARG D 123 -22.50 -11.38 -2.25
CA ARG D 123 -23.62 -10.96 -1.38
C ARG D 123 -24.93 -10.93 -2.18
N LEU D 124 -25.02 -11.68 -3.28
CA LEU D 124 -26.26 -11.78 -4.08
C LEU D 124 -27.44 -12.15 -3.16
N THR D 125 -27.35 -13.27 -2.45
CA THR D 125 -28.47 -13.82 -1.62
C THR D 125 -28.83 -12.86 -0.50
N GLN D 126 -27.83 -12.29 0.16
CA GLN D 126 -28.01 -11.36 1.30
C GLN D 126 -28.72 -10.09 0.80
N SER D 127 -28.23 -9.47 -0.28
CA SER D 127 -28.81 -8.20 -0.81
C SER D 127 -30.24 -8.44 -1.28
N LEU D 128 -30.44 -9.48 -2.10
CA LEU D 128 -31.76 -9.85 -2.63
C LEU D 128 -32.75 -10.13 -1.50
N ASN D 129 -32.31 -10.78 -0.41
CA ASN D 129 -33.24 -11.11 0.70
C ASN D 129 -33.70 -9.83 1.40
N HIS D 130 -32.81 -8.89 1.70
CA HIS D 130 -33.22 -7.57 2.26
C HIS D 130 -34.14 -6.80 1.28
N LEU D 131 -33.85 -6.86 -0.03
CA LEU D 131 -34.67 -6.24 -1.11
C LEU D 131 -36.11 -6.75 -1.01
N PHE D 132 -36.33 -8.06 -1.07
CA PHE D 132 -37.68 -8.68 -1.00
C PHE D 132 -38.35 -8.24 0.30
N THR D 133 -37.67 -8.31 1.45
CA THR D 133 -38.32 -7.97 2.76
C THR D 133 -38.87 -6.55 2.70
N ALA D 134 -38.09 -5.58 2.23
CA ALA D 134 -38.52 -4.16 2.29
C ALA D 134 -39.58 -3.91 1.22
N MET D 135 -39.34 -4.39 0.00
CA MET D 135 -40.16 -4.05 -1.19
C MET D 135 -41.48 -4.83 -1.13
N ASP D 136 -41.56 -5.93 -0.38
CA ASP D 136 -42.84 -6.68 -0.28
C ASP D 136 -43.90 -5.79 0.38
N SER D 137 -43.51 -4.70 1.05
CA SER D 137 -44.44 -3.75 1.71
C SER D 137 -44.98 -2.74 0.70
N THR D 138 -44.50 -2.71 -0.54
CA THR D 138 -45.02 -1.78 -1.59
C THR D 138 -46.02 -2.51 -2.50
N ASP D 139 -46.67 -1.78 -3.39
CA ASP D 139 -47.53 -2.42 -4.43
C ASP D 139 -46.96 -2.08 -5.80
N ALA D 140 -45.67 -1.70 -5.88
CA ALA D 140 -45.01 -1.32 -7.15
C ALA D 140 -44.54 -2.56 -7.90
N ASP D 141 -44.49 -2.47 -9.24
CA ASP D 141 -43.68 -3.42 -10.05
C ASP D 141 -42.21 -3.12 -9.77
N VAL D 142 -41.46 -4.13 -9.33
CA VAL D 142 -40.01 -3.99 -9.05
C VAL D 142 -39.24 -4.68 -10.16
N VAL D 143 -38.29 -3.97 -10.73
CA VAL D 143 -37.39 -4.52 -11.76
C VAL D 143 -35.96 -4.39 -11.26
N ILE D 144 -35.33 -5.54 -11.05
CA ILE D 144 -33.93 -5.66 -10.55
C ILE D 144 -33.01 -5.66 -11.75
N TYR D 145 -31.95 -4.85 -11.70
CA TYR D 145 -30.95 -4.74 -12.80
C TYR D 145 -29.66 -5.39 -12.32
N CYS D 146 -29.03 -6.21 -13.16
CA CYS D 146 -27.71 -6.85 -12.91
C CYS D 146 -26.90 -6.87 -14.20
N ARG D 147 -25.59 -7.09 -14.14
CA ARG D 147 -24.72 -7.05 -15.35
C ARG D 147 -24.17 -8.42 -15.69
N ASP D 148 -24.29 -9.41 -14.80
CA ASP D 148 -23.67 -10.76 -14.94
C ASP D 148 -24.74 -11.83 -15.27
N LYS D 149 -24.47 -12.71 -16.23
CA LYS D 149 -25.45 -13.74 -16.71
C LYS D 149 -25.78 -14.75 -15.61
N GLU D 150 -24.81 -15.17 -14.80
CA GLU D 150 -25.09 -16.19 -13.74
C GLU D 150 -25.89 -15.52 -12.61
N TRP D 151 -25.54 -14.27 -12.25
CA TRP D 151 -26.34 -13.44 -11.31
C TRP D 151 -27.75 -13.31 -11.85
N GLU D 152 -27.90 -12.99 -13.14
CA GLU D 152 -29.25 -12.86 -13.76
C GLU D 152 -30.06 -14.13 -13.49
N LYS D 153 -29.50 -15.30 -13.80
CA LYS D 153 -30.20 -16.60 -13.66
C LYS D 153 -30.59 -16.83 -12.18
N LYS D 154 -29.67 -16.55 -11.27
CA LYS D 154 -29.81 -16.79 -9.82
C LYS D 154 -30.98 -15.96 -9.27
N ILE D 155 -31.18 -14.74 -9.78
CA ILE D 155 -32.23 -13.80 -9.27
C ILE D 155 -33.60 -14.28 -9.77
N SER D 156 -33.72 -14.62 -11.05
CA SER D 156 -34.95 -15.22 -11.62
C SER D 156 -35.32 -16.47 -10.81
N GLU D 157 -34.39 -17.42 -10.71
CA GLU D 157 -34.51 -18.60 -9.81
C GLU D 157 -35.09 -18.13 -8.48
N ALA D 158 -34.43 -17.17 -7.81
CA ALA D 158 -34.89 -16.64 -6.50
C ALA D 158 -36.32 -16.06 -6.59
N ILE D 159 -36.63 -15.28 -7.63
CA ILE D 159 -38.02 -14.76 -7.82
C ILE D 159 -38.97 -15.94 -8.02
N GLN D 160 -38.60 -16.89 -8.87
CA GLN D 160 -39.47 -18.05 -9.24
C GLN D 160 -39.82 -18.84 -7.96
N MET D 161 -38.83 -19.11 -7.11
CA MET D 161 -38.95 -20.05 -5.96
C MET D 161 -39.80 -19.44 -4.82
N ARG D 162 -40.06 -18.13 -4.83
CA ARG D 162 -40.92 -17.49 -3.78
C ARG D 162 -42.40 -17.51 -4.15
N THR D 163 -42.72 -17.56 -5.44
CA THR D 163 -44.10 -17.28 -5.94
C THR D 163 -44.98 -18.50 -5.60
S DMS E . 2.40 -8.06 -2.43
O DMS E . 1.66 -7.00 -3.23
C1 DMS E . 3.85 -8.48 -3.32
C2 DMS E . 1.56 -9.61 -2.72
S DMS F . 7.19 -12.18 -22.05
O DMS F . 5.89 -11.92 -21.33
C1 DMS F . 8.45 -12.28 -20.80
C2 DMS F . 7.67 -10.63 -22.74
S DMS G . 19.28 -14.51 -20.37
O DMS G . 18.81 -13.21 -20.94
C1 DMS G . 20.72 -14.17 -19.41
C2 DMS G . 20.07 -15.38 -21.69
C TRS H . 2.84 -0.59 -34.02
C1 TRS H . 3.85 0.27 -33.29
C2 TRS H . 1.47 -0.55 -33.33
C3 TRS H . 2.72 -0.15 -35.49
N TRS H . 3.32 -2.01 -33.98
O1 TRS H . 5.14 0.25 -33.90
O2 TRS H . 0.89 0.75 -33.31
O3 TRS H . 1.74 -0.88 -36.21
S DMS I . -2.16 7.22 -16.22
O DMS I . -0.72 7.69 -16.23
C1 DMS I . -2.13 5.48 -16.05
C2 DMS I . -2.72 7.24 -17.91
S DMS J . 13.27 -10.36 -20.02
O DMS J . 12.51 -9.17 -20.57
C1 DMS J . 12.19 -11.10 -18.81
C2 DMS J . 14.46 -9.67 -18.89
S DMS K . 26.41 -0.01 -12.84
O DMS K . 25.63 0.70 -11.81
C1 DMS K . 27.60 -1.00 -11.94
C2 DMS K . 27.49 1.16 -13.65
CL CL L . 11.40 -11.18 -23.16
CL CL M . 19.40 -11.22 -17.42
CL CL N . 16.17 -10.62 -5.74
S DMS O . 20.67 -11.78 -6.95
O DMS O . 19.74 -12.02 -8.14
C1 DMS O . 19.73 -10.81 -5.76
C2 DMS O . 20.75 -13.27 -5.98
S DMS P . -3.95 0.15 -3.97
O DMS P . -2.53 0.53 -3.67
C1 DMS P . -4.35 -1.17 -2.86
C2 DMS P . -3.90 -0.81 -5.46
S DMS Q . 17.01 -15.02 14.13
O DMS Q . 18.40 -14.31 14.12
C1 DMS Q . 16.01 -14.14 13.03
C2 DMS Q . 16.22 -14.53 15.63
S DMS R . 19.75 -17.82 8.86
O DMS R . 20.76 -17.33 7.82
C1 DMS R . 20.57 -17.70 10.43
C2 DMS R . 19.75 -19.57 8.66
S DMS S . 12.91 -17.58 19.48
O DMS S . 13.97 -16.56 19.13
C1 DMS S . 12.04 -16.93 20.88
C2 DMS S . 13.74 -18.92 20.30
CL CL T . 12.67 -13.24 19.21
CL CL U . 19.88 -17.65 14.05
S DMS V . 37.33 -16.76 12.38
O DMS V . 38.73 -17.34 12.46
C1 DMS V . 36.95 -16.14 14.01
C2 DMS V . 36.25 -18.18 12.41
N1 A1BB3 W . 6.04 19.32 3.53
C4 A1BB3 W . 5.34 18.51 4.38
C5 A1BB3 W . 7.17 18.90 2.74
C6 A1BB3 W . 7.29 19.32 1.42
C7 A1BB3 W . 8.29 18.78 0.62
C8 A1BB3 W . 9.17 17.85 1.13
C10 A1BB3 W . 8.08 17.96 3.22
N A1BB3 W . 5.54 19.78 6.48
C A1BB3 W . 5.21 19.07 7.72
O A1BB3 W . 5.28 17.30 4.36
C1 A1BB3 W . 4.66 19.46 5.36
C2 A1BB3 W . 4.35 20.65 4.44
C3 A1BB3 W . 5.56 20.70 3.52
C9 A1BB3 W . 9.08 17.42 2.43
F A1BB3 W . 7.97 17.56 4.51
CL CL X . 1.24 20.88 6.41
CL CL Y . 5.77 -3.06 11.82
S DMS Z . -2.83 18.59 28.51
O DMS Z . -3.17 17.12 28.54
C1 DMS Z . -3.20 19.16 26.90
C2 DMS Z . -1.05 18.70 28.43
N1 K34 AA . 4.44 13.01 12.42
N3 K34 AA . 3.87 11.35 11.06
C4 K34 AA . 4.66 10.84 12.02
N K34 AA . 2.85 14.86 10.75
C K34 AA . 2.01 15.45 9.84
C1 K34 AA . 1.45 14.63 8.93
C2 K34 AA . 2.92 13.58 10.53
C3 K34 AA . 3.75 12.69 11.33
N2 K34 AA . 5.03 11.84 12.87
S K34 AA . 1.97 13.03 9.19
S DMS BA . -23.51 -2.84 -7.37
O DMS BA . -22.70 -2.00 -8.33
C1 DMS BA . -24.82 -3.54 -8.33
C2 DMS BA . -24.47 -1.70 -6.41
C TRS CA . -28.21 5.30 10.65
C1 TRS CA . -27.67 5.73 12.02
C2 TRS CA . -28.97 3.98 10.77
C3 TRS CA . -29.12 6.38 10.05
N TRS CA . -27.05 5.10 9.74
O1 TRS CA . -26.68 4.82 12.48
O2 TRS CA . -29.64 3.64 9.57
O3 TRS CA . -28.53 7.67 10.07
S DMS DA . -27.22 11.66 -21.16
O DMS DA . -27.24 10.25 -20.64
C1 DMS DA . -25.52 12.16 -21.11
C2 DMS DA . -27.83 12.69 -19.85
S DMS EA . -20.06 2.84 -5.15
O DMS EA . -20.30 4.26 -5.59
C1 DMS EA . -20.06 1.85 -6.61
C2 DMS EA . -21.58 2.25 -4.46
S DMS FA . -38.66 14.95 -3.38
O DMS FA . -39.23 13.68 -3.95
C1 DMS FA . -37.30 15.40 -4.44
C2 DMS FA . -37.72 14.48 -1.95
CL CL GA . -24.23 -8.25 -11.42
CL CL HA . -21.78 -1.66 -4.40
#